data_6JUH
#
_entry.id   6JUH
#
_cell.length_a   124.860
_cell.length_b   125.520
_cell.length_c   191.420
_cell.angle_alpha   90.00
_cell.angle_beta   90.00
_cell.angle_gamma   90.00
#
_symmetry.space_group_name_H-M   'P 21 2 21'
#
loop_
_entity.id
_entity.type
_entity.pdbx_description
1 polymer 'Ion transport protein'
2 non-polymer 1,2-DIMYRISTOYL-RAC-GLYCERO-3-PHOSPHOCHOLINE
3 non-polymer 1,2-DIMYRISTOYL-SN-GLYCERO-3-PHOSPHOCHOLINE
4 non-polymer SN-GLYCEROL-3-PHOSPHATE
5 non-polymer 'CALCIUM ION'
6 non-polymer '2-[phenyl-(phenylmethyl)amino]ethyl (4~{R})-5-(5,5-dimethyl-2-oxidanylidene-1,3,2$l^{5}-dioxaphosphinan-2-yl)-2,6-dimethyl-4-(3-nitrophenyl)-1,4-dihydropyridine-3-carboxylate'
#
_entity_poly.entity_id   1
_entity_poly.type   'polypeptide(L)'
_entity_poly.pdbx_seq_one_letter_code
;MYLRITNIVESSFFTKFIIYLIVLNGITMGLETSKTFMQSFGVYTTLFNQIVITIFTIEIILRIYVHRISFFKDPWSLFD
FFVVAISLVPTSSGFEILRVLRVLRLFRLVTAVPQMRKIVSALISVIPGMLSVIALMTLFFYIFAIMATQLFGERFPEWF
GTLGESFYTLFQVMTLDDWSNGIVRPLMEVYPYAWVFFIPFIFVVTFVMINLVVAIIVDAMAILNQKEEQHIIDEVQSHE
DNINNEIIKLREEIVELKELIKTSLKN
;
_entity_poly.pdbx_strand_id   A,B,C,D
#
# COMPACT_ATOMS: atom_id res chain seq x y z
N MET A 1 20.98 -1.28 -53.26
CA MET A 1 20.69 -2.49 -52.45
C MET A 1 20.12 -2.13 -51.09
N TYR A 2 20.40 -0.93 -50.59
CA TYR A 2 19.88 -0.49 -49.30
C TYR A 2 18.40 -0.82 -49.08
N LEU A 3 17.53 -0.40 -49.99
CA LEU A 3 16.10 -0.64 -49.83
C LEU A 3 15.78 -2.15 -49.86
N ARG A 4 16.68 -2.94 -50.46
CA ARG A 4 16.47 -4.38 -50.57
C ARG A 4 16.53 -5.06 -49.19
N ILE A 5 17.54 -4.70 -48.40
CA ILE A 5 17.62 -5.23 -47.02
C ILE A 5 16.55 -4.58 -46.12
N THR A 6 16.26 -3.30 -46.33
CA THR A 6 15.27 -2.57 -45.53
C THR A 6 13.90 -3.22 -45.60
N ASN A 7 13.60 -3.87 -46.69
CA ASN A 7 12.31 -4.53 -46.81
C ASN A 7 12.28 -5.79 -45.98
N ILE A 8 13.47 -6.32 -45.68
CA ILE A 8 13.63 -7.56 -44.92
C ILE A 8 13.55 -7.30 -43.43
N VAL A 9 14.49 -6.46 -42.95
CA VAL A 9 14.57 -6.05 -41.55
C VAL A 9 13.20 -5.60 -41.04
N GLU A 10 12.42 -4.96 -41.91
CA GLU A 10 11.12 -4.45 -41.54
C GLU A 10 9.96 -5.44 -41.79
N SER A 11 10.24 -6.61 -42.35
CA SER A 11 9.16 -7.55 -42.66
C SER A 11 8.50 -8.07 -41.42
N SER A 12 7.41 -8.81 -41.60
CA SER A 12 6.78 -9.46 -40.48
C SER A 12 7.51 -10.78 -40.20
N PHE A 13 8.16 -11.31 -41.24
CA PHE A 13 8.89 -12.57 -41.15
C PHE A 13 10.17 -12.40 -40.33
N PHE A 14 10.73 -11.20 -40.30
CA PHE A 14 12.00 -10.99 -39.61
C PHE A 14 11.77 -11.05 -38.13
N THR A 15 10.93 -10.14 -37.65
CA THR A 15 10.69 -9.99 -36.23
C THR A 15 10.12 -11.29 -35.65
N LYS A 16 9.26 -11.98 -36.38
CA LYS A 16 8.67 -13.20 -35.86
C LYS A 16 9.71 -14.29 -35.76
N PHE A 17 10.57 -14.38 -36.75
CA PHE A 17 11.61 -15.40 -36.77
C PHE A 17 12.63 -15.15 -35.64
N ILE A 18 12.98 -13.88 -35.42
CA ILE A 18 13.85 -13.52 -34.30
C ILE A 18 13.15 -13.69 -32.96
N ILE A 19 11.89 -13.32 -32.87
CA ILE A 19 11.10 -13.65 -31.69
C ILE A 19 11.07 -15.16 -31.49
N TYR A 20 10.88 -15.88 -32.58
CA TYR A 20 10.87 -17.33 -32.55
C TYR A 20 12.20 -17.91 -32.04
N LEU A 21 13.31 -17.37 -32.50
CA LEU A 21 14.61 -17.85 -32.05
C LEU A 21 14.87 -17.44 -30.61
N ILE A 22 14.41 -16.26 -30.20
CA ILE A 22 14.49 -15.87 -28.79
C ILE A 22 13.81 -16.94 -27.93
N VAL A 23 12.54 -17.21 -28.22
CA VAL A 23 11.77 -18.11 -27.39
C VAL A 23 12.38 -19.48 -27.23
N LEU A 24 12.57 -20.21 -28.33
CA LEU A 24 13.09 -21.56 -28.17
C LEU A 24 14.52 -21.53 -27.64
N ASN A 25 15.34 -20.56 -28.04
CA ASN A 25 16.67 -20.49 -27.41
C ASN A 25 16.50 -20.41 -25.92
N GLY A 26 15.52 -19.63 -25.48
CA GLY A 26 15.16 -19.59 -24.08
C GLY A 26 14.88 -20.96 -23.51
N ILE A 27 14.14 -21.78 -24.23
CA ILE A 27 13.85 -23.15 -23.80
C ILE A 27 15.11 -24.00 -23.70
N THR A 28 16.07 -23.79 -24.58
CA THR A 28 17.31 -24.54 -24.52
C THR A 28 18.16 -24.00 -23.36
N MET A 29 18.16 -22.67 -23.17
CA MET A 29 18.88 -22.07 -22.06
C MET A 29 18.45 -22.78 -20.79
N GLY A 30 17.14 -23.08 -20.73
CA GLY A 30 16.53 -23.75 -19.60
C GLY A 30 16.85 -25.23 -19.48
N LEU A 31 17.15 -25.87 -20.60
CA LEU A 31 17.37 -27.32 -20.58
C LEU A 31 18.79 -27.65 -20.23
N GLU A 32 19.66 -26.66 -20.37
CA GLU A 32 21.07 -26.78 -20.00
C GLU A 32 21.24 -26.74 -18.49
N THR A 33 20.13 -26.47 -17.79
CA THR A 33 19.99 -26.54 -16.34
C THR A 33 20.14 -27.97 -15.88
N SER A 34 19.52 -28.88 -16.62
CA SER A 34 19.63 -30.30 -16.35
C SER A 34 21.00 -30.81 -16.72
N LYS A 35 21.62 -31.53 -15.79
CA LYS A 35 22.90 -32.16 -16.05
C LYS A 35 22.67 -33.46 -16.79
N THR A 36 21.54 -34.11 -16.50
CA THR A 36 21.12 -35.27 -17.28
C THR A 36 21.04 -34.92 -18.77
N PHE A 37 20.15 -33.99 -19.11
CA PHE A 37 19.92 -33.56 -20.50
C PHE A 37 21.21 -33.06 -21.14
N MET A 38 22.05 -32.38 -20.37
CA MET A 38 23.30 -31.84 -20.92
C MET A 38 24.27 -32.93 -21.38
N GLN A 39 24.04 -34.16 -20.95
CA GLN A 39 24.93 -35.25 -21.30
C GLN A 39 24.55 -35.86 -22.64
N SER A 40 23.29 -36.26 -22.74
CA SER A 40 22.76 -36.85 -23.95
C SER A 40 22.60 -35.86 -25.11
N PHE A 41 22.76 -34.56 -24.85
CA PHE A 41 22.51 -33.55 -25.88
C PHE A 41 23.40 -32.30 -25.82
N GLY A 42 24.40 -32.30 -24.96
CA GLY A 42 25.17 -31.07 -24.70
C GLY A 42 25.68 -30.32 -25.92
N VAL A 43 26.37 -31.07 -26.79
CA VAL A 43 26.98 -30.49 -27.98
C VAL A 43 25.93 -30.00 -28.97
N TYR A 44 24.75 -30.61 -28.94
CA TYR A 44 23.60 -30.17 -29.74
C TYR A 44 23.21 -28.70 -29.44
N THR A 45 23.05 -28.40 -28.17
CA THR A 45 22.49 -27.11 -27.76
C THR A 45 23.53 -26.00 -27.78
N THR A 46 24.78 -26.35 -27.48
CA THR A 46 25.84 -25.35 -27.54
C THR A 46 26.06 -24.96 -28.99
N LEU A 47 25.88 -25.93 -29.87
CA LEU A 47 25.85 -25.69 -31.31
C LEU A 47 24.74 -24.71 -31.61
N PHE A 48 23.52 -25.14 -31.33
CA PHE A 48 22.32 -24.29 -31.35
C PHE A 48 22.60 -22.89 -30.80
N ASN A 49 23.18 -22.81 -29.63
CA ASN A 49 23.51 -21.53 -29.02
C ASN A 49 24.40 -20.66 -29.92
N GLN A 50 25.29 -21.32 -30.65
CA GLN A 50 26.18 -20.60 -31.55
C GLN A 50 25.46 -20.13 -32.80
N ILE A 51 24.49 -20.91 -33.24
CA ILE A 51 23.66 -20.53 -34.36
C ILE A 51 22.80 -19.31 -34.00
N VAL A 52 22.27 -19.29 -32.78
CA VAL A 52 21.41 -18.19 -32.40
C VAL A 52 22.20 -16.91 -32.30
N ILE A 53 23.40 -16.99 -31.73
CA ILE A 53 24.21 -15.79 -31.54
C ILE A 53 24.68 -15.24 -32.89
N THR A 54 24.85 -16.16 -33.84
CA THR A 54 25.24 -15.79 -35.21
C THR A 54 24.12 -14.96 -35.85
N ILE A 55 22.97 -15.62 -36.03
CA ILE A 55 21.78 -15.01 -36.55
C ILE A 55 21.47 -13.68 -35.88
N PHE A 56 21.64 -13.59 -34.57
CA PHE A 56 21.39 -12.34 -33.87
C PHE A 56 22.36 -11.26 -34.31
N THR A 57 23.62 -11.59 -34.50
CA THR A 57 24.59 -10.57 -34.83
C THR A 57 24.38 -10.13 -36.26
N ILE A 58 24.07 -11.11 -37.11
CA ILE A 58 23.62 -10.85 -38.47
C ILE A 58 22.53 -9.77 -38.43
N GLU A 59 21.41 -10.17 -37.83
CA GLU A 59 20.28 -9.30 -37.62
C GLU A 59 20.71 -7.94 -37.06
N ILE A 60 21.48 -7.90 -35.99
CA ILE A 60 21.79 -6.63 -35.35
C ILE A 60 22.58 -5.74 -36.30
N ILE A 61 23.50 -6.31 -37.05
CA ILE A 61 24.26 -5.51 -38.01
C ILE A 61 23.36 -4.96 -39.11
N LEU A 62 22.52 -5.82 -39.66
CA LEU A 62 21.50 -5.40 -40.64
C LEU A 62 20.77 -4.19 -40.12
N ARG A 63 20.14 -4.34 -38.95
CA ARG A 63 19.35 -3.27 -38.33
C ARG A 63 20.12 -1.96 -38.26
N ILE A 64 21.44 -2.06 -38.09
CA ILE A 64 22.31 -0.89 -38.00
C ILE A 64 22.42 -0.16 -39.34
N TYR A 65 22.61 -0.90 -40.44
CA TYR A 65 22.69 -0.25 -41.75
C TYR A 65 21.36 0.35 -42.19
N VAL A 66 20.27 -0.22 -41.69
CA VAL A 66 18.92 0.23 -42.02
C VAL A 66 18.48 1.42 -41.17
N HIS A 67 19.18 1.66 -40.06
CA HIS A 67 18.73 2.65 -39.11
C HIS A 67 19.81 3.59 -38.61
N ARG A 68 20.99 3.54 -39.21
CA ARG A 68 22.22 3.91 -38.53
C ARG A 68 22.09 5.22 -37.81
N ILE A 69 22.71 5.29 -36.65
CA ILE A 69 22.56 6.39 -35.70
C ILE A 69 21.18 6.33 -35.09
N SER A 70 20.13 6.46 -35.88
CA SER A 70 18.86 6.37 -35.24
C SER A 70 18.93 5.14 -34.33
N PHE A 71 19.66 4.13 -34.78
CA PHE A 71 19.76 2.89 -34.05
C PHE A 71 20.36 3.13 -32.68
N PHE A 72 21.37 3.98 -32.61
CA PHE A 72 22.08 4.18 -31.35
C PHE A 72 21.46 5.31 -30.56
N LYS A 73 20.37 5.89 -31.05
CA LYS A 73 19.57 6.80 -30.26
C LYS A 73 18.35 6.07 -29.73
N ASP A 74 18.34 4.75 -29.91
CA ASP A 74 17.22 3.92 -29.49
C ASP A 74 17.61 3.11 -28.26
N PRO A 75 16.87 3.28 -27.15
CA PRO A 75 17.21 2.56 -25.92
C PRO A 75 17.11 1.05 -26.15
N TRP A 76 16.00 0.66 -26.77
CA TRP A 76 15.68 -0.73 -26.97
C TRP A 76 16.73 -1.44 -27.82
N SER A 77 17.25 -0.75 -28.82
CA SER A 77 18.17 -1.40 -29.76
C SER A 77 19.56 -1.51 -29.16
N LEU A 78 19.93 -0.52 -28.35
CA LEU A 78 21.16 -0.57 -27.60
C LEU A 78 21.19 -1.80 -26.71
N PHE A 79 20.05 -2.13 -26.12
CA PHE A 79 19.95 -3.29 -25.25
C PHE A 79 20.32 -4.56 -25.98
N ASP A 80 19.59 -4.86 -27.05
CA ASP A 80 19.84 -6.04 -27.88
C ASP A 80 21.33 -6.11 -28.23
N PHE A 81 21.86 -4.95 -28.64
CA PHE A 81 23.26 -4.80 -28.96
C PHE A 81 24.16 -5.32 -27.84
N PHE A 82 24.12 -4.67 -26.68
CA PHE A 82 24.99 -5.03 -25.55
C PHE A 82 24.73 -6.46 -25.08
N VAL A 83 23.46 -6.83 -25.05
CA VAL A 83 23.07 -8.15 -24.60
C VAL A 83 23.50 -9.25 -25.58
N VAL A 84 23.73 -8.86 -26.83
CA VAL A 84 24.24 -9.79 -27.84
C VAL A 84 25.77 -9.78 -27.78
N ALA A 85 26.34 -8.60 -27.62
CA ALA A 85 27.79 -8.43 -27.51
C ALA A 85 28.33 -9.35 -26.44
N ILE A 86 27.71 -9.27 -25.27
CA ILE A 86 28.02 -10.15 -24.14
C ILE A 86 28.09 -11.63 -24.56
N SER A 87 27.07 -12.11 -25.26
CA SER A 87 27.00 -13.51 -25.67
C SER A 87 28.15 -13.84 -26.62
N LEU A 88 28.70 -12.80 -27.26
CA LEU A 88 29.74 -12.95 -28.28
C LEU A 88 31.11 -13.11 -27.66
N VAL A 89 31.19 -12.92 -26.35
CA VAL A 89 32.45 -13.12 -25.63
C VAL A 89 32.61 -14.64 -25.38
N PRO A 90 33.75 -15.21 -25.82
CA PRO A 90 34.06 -16.65 -25.91
C PRO A 90 33.75 -17.53 -24.69
N THR A 91 33.45 -18.80 -24.96
CA THR A 91 33.11 -19.72 -23.90
C THR A 91 34.41 -20.12 -23.24
N SER A 92 34.99 -19.20 -22.49
CA SER A 92 36.34 -19.43 -22.00
C SER A 92 36.75 -18.64 -20.76
N SER A 93 37.80 -19.13 -20.11
CA SER A 93 38.59 -18.34 -19.17
C SER A 93 38.09 -18.30 -17.74
N GLY A 94 38.86 -17.59 -16.91
CA GLY A 94 38.60 -17.43 -15.48
C GLY A 94 37.40 -16.57 -15.14
N PHE A 95 37.16 -15.52 -15.89
CA PHE A 95 36.04 -14.63 -15.61
C PHE A 95 34.84 -15.34 -16.19
N GLU A 96 34.48 -16.47 -15.58
CA GLU A 96 33.47 -17.37 -16.14
C GLU A 96 32.03 -16.86 -15.83
N ILE A 97 31.93 -15.73 -15.15
CA ILE A 97 30.63 -15.10 -14.90
C ILE A 97 29.85 -14.83 -16.18
N LEU A 98 30.56 -14.43 -17.23
CA LEU A 98 29.93 -14.01 -18.49
C LEU A 98 29.21 -15.15 -19.22
N ARG A 99 29.60 -16.39 -18.93
CA ARG A 99 28.93 -17.55 -19.53
C ARG A 99 27.47 -17.58 -19.08
N VAL A 100 27.25 -16.99 -17.91
CA VAL A 100 25.96 -17.05 -17.24
C VAL A 100 25.14 -15.85 -17.59
N LEU A 101 25.79 -14.70 -17.75
CA LEU A 101 25.12 -13.50 -18.26
C LEU A 101 24.60 -13.66 -19.69
N ARG A 102 25.02 -14.71 -20.38
CA ARG A 102 24.48 -15.03 -21.68
C ARG A 102 23.00 -15.32 -21.64
N VAL A 103 22.49 -15.68 -20.48
CA VAL A 103 21.07 -15.92 -20.32
C VAL A 103 20.30 -14.59 -20.17
N LEU A 104 21.02 -13.47 -20.21
CA LEU A 104 20.36 -12.17 -20.33
C LEU A 104 19.80 -11.98 -21.74
N ARG A 105 20.28 -12.77 -22.70
CA ARG A 105 19.86 -12.59 -24.08
C ARG A 105 18.37 -12.83 -24.19
N LEU A 106 17.80 -13.54 -23.22
CA LEU A 106 16.37 -13.84 -23.28
C LEU A 106 15.53 -12.61 -23.01
N PHE A 107 16.17 -11.54 -22.55
CA PHE A 107 15.43 -10.32 -22.28
C PHE A 107 15.11 -9.64 -23.60
N ARG A 108 15.63 -10.20 -24.69
CA ARG A 108 15.31 -9.69 -26.03
C ARG A 108 13.82 -9.81 -26.28
N LEU A 109 13.22 -10.89 -25.79
CA LEU A 109 11.77 -11.08 -25.86
C LEU A 109 11.02 -9.83 -25.37
N VAL A 110 11.63 -9.05 -24.47
CA VAL A 110 11.02 -7.82 -24.00
C VAL A 110 11.13 -6.73 -25.06
N THR A 111 12.28 -6.65 -25.72
CA THR A 111 12.47 -5.69 -26.79
C THR A 111 11.64 -6.01 -28.02
N ALA A 112 11.56 -7.30 -28.33
CA ALA A 112 10.98 -7.77 -29.58
C ALA A 112 9.46 -7.75 -29.59
N VAL A 113 8.85 -7.65 -28.42
CA VAL A 113 7.39 -7.76 -28.29
C VAL A 113 6.81 -6.47 -27.71
N PRO A 114 6.13 -5.68 -28.56
CA PRO A 114 5.76 -4.31 -28.21
C PRO A 114 4.93 -4.20 -26.94
N GLN A 115 3.95 -5.09 -26.76
CA GLN A 115 3.13 -5.09 -25.55
C GLN A 115 4.01 -4.99 -24.29
N MET A 116 5.13 -5.71 -24.30
CA MET A 116 6.06 -5.77 -23.19
C MET A 116 6.92 -4.51 -22.98
N ARG A 117 7.39 -3.90 -24.06
CA ARG A 117 8.13 -2.64 -23.94
C ARG A 117 7.30 -1.59 -23.25
N LYS A 118 5.99 -1.60 -23.50
CA LYS A 118 5.13 -0.58 -22.93
C LYS A 118 5.15 -0.70 -21.42
N ILE A 119 5.10 -1.96 -20.95
CA ILE A 119 5.14 -2.24 -19.53
C ILE A 119 6.48 -1.76 -18.94
N VAL A 120 7.58 -2.17 -19.52
CA VAL A 120 8.86 -1.72 -19.03
C VAL A 120 8.94 -0.20 -19.05
N SER A 121 8.44 0.40 -20.13
CA SER A 121 8.43 1.86 -20.26
C SER A 121 7.62 2.51 -19.15
N ALA A 122 6.40 2.00 -18.98
CA ALA A 122 5.49 2.54 -17.99
C ALA A 122 6.16 2.51 -16.62
N LEU A 123 6.89 1.42 -16.35
CA LEU A 123 7.63 1.26 -15.11
C LEU A 123 8.75 2.31 -14.93
N ILE A 124 9.71 2.35 -15.86
CA ILE A 124 10.82 3.31 -15.79
C ILE A 124 10.38 4.77 -15.57
N SER A 125 9.25 5.14 -16.16
CA SER A 125 8.69 6.51 -16.11
C SER A 125 8.58 7.11 -14.71
N VAL A 126 8.32 6.24 -13.74
CA VAL A 126 8.24 6.62 -12.34
C VAL A 126 9.59 7.03 -11.79
N ILE A 127 10.66 6.50 -12.35
CA ILE A 127 11.98 6.62 -11.73
C ILE A 127 12.56 8.04 -11.64
N PRO A 128 12.54 8.80 -12.74
CA PRO A 128 13.28 10.07 -12.62
C PRO A 128 12.73 11.02 -11.55
N GLY A 129 11.43 11.04 -11.35
CA GLY A 129 10.88 11.88 -10.30
C GLY A 129 11.37 11.47 -8.93
N MET A 130 11.70 10.18 -8.79
CA MET A 130 12.16 9.63 -7.53
C MET A 130 13.65 9.86 -7.26
N LEU A 131 14.44 10.10 -8.30
CA LEU A 131 15.89 10.23 -8.15
C LEU A 131 16.33 11.12 -6.98
N SER A 132 15.55 12.13 -6.68
CA SER A 132 15.82 12.98 -5.52
C SER A 132 15.73 12.18 -4.20
N VAL A 133 14.61 11.51 -3.99
CA VAL A 133 14.34 10.71 -2.78
C VAL A 133 15.36 9.59 -2.61
N ILE A 134 15.64 8.91 -3.72
CA ILE A 134 16.70 7.92 -3.75
C ILE A 134 18.00 8.49 -3.19
N ALA A 135 18.40 9.66 -3.67
CA ALA A 135 19.59 10.34 -3.12
C ALA A 135 19.48 10.49 -1.60
N LEU A 136 18.41 11.15 -1.13
CA LEU A 136 18.19 11.38 0.29
C LEU A 136 18.30 10.09 1.07
N MET A 137 17.70 9.02 0.56
CA MET A 137 17.72 7.74 1.25
C MET A 137 19.10 7.16 1.35
N THR A 138 19.80 7.16 0.22
CA THR A 138 21.17 6.68 0.16
C THR A 138 22.07 7.50 1.08
N LEU A 139 21.80 8.78 1.22
CA LEU A 139 22.51 9.61 2.16
C LEU A 139 22.23 9.11 3.58
N PHE A 140 20.97 8.84 3.84
CA PHE A 140 20.49 8.37 5.13
C PHE A 140 21.09 7.01 5.49
N PHE A 141 21.15 6.12 4.51
CA PHE A 141 21.79 4.85 4.73
C PHE A 141 23.26 5.05 5.08
N TYR A 142 23.97 5.76 4.23
CA TYR A 142 25.38 6.06 4.42
C TYR A 142 25.66 6.50 5.88
N ILE A 143 25.00 7.57 6.30
CA ILE A 143 25.18 8.13 7.63
C ILE A 143 24.95 7.09 8.74
N PHE A 144 23.91 6.28 8.60
CA PHE A 144 23.61 5.27 9.59
C PHE A 144 24.55 4.05 9.47
N ALA A 145 24.96 3.70 8.25
CA ALA A 145 25.95 2.63 8.06
C ALA A 145 27.26 2.94 8.78
N ILE A 146 27.69 4.20 8.68
CA ILE A 146 28.84 4.69 9.42
C ILE A 146 28.65 4.41 10.91
N MET A 147 27.56 4.93 11.49
CA MET A 147 27.28 4.76 12.90
C MET A 147 27.25 3.29 13.33
N ALA A 148 26.53 2.48 12.55
CA ALA A 148 26.54 1.04 12.77
C ALA A 148 27.96 0.52 12.92
N THR A 149 28.74 0.65 11.85
CA THR A 149 30.11 0.13 11.80
C THR A 149 30.91 0.52 13.03
N GLN A 150 30.75 1.76 13.49
CA GLN A 150 31.47 2.26 14.63
C GLN A 150 30.89 1.73 15.94
N LEU A 151 29.63 2.01 16.17
CA LEU A 151 28.96 1.57 17.39
C LEU A 151 29.00 0.06 17.59
N PHE A 152 28.92 -0.71 16.51
CA PHE A 152 28.68 -2.14 16.64
C PHE A 152 29.75 -3.03 16.07
N GLY A 153 30.62 -2.48 15.23
CA GLY A 153 31.54 -3.28 14.48
C GLY A 153 32.49 -4.20 15.25
N GLU A 154 33.08 -3.73 16.33
CA GLU A 154 34.14 -4.46 17.04
C GLU A 154 33.62 -5.75 17.62
N ARG A 155 32.44 -5.71 18.23
CA ARG A 155 31.88 -6.91 18.86
C ARG A 155 31.01 -7.69 17.89
N PHE A 156 30.57 -7.06 16.82
CA PHE A 156 29.73 -7.78 15.86
C PHE A 156 30.18 -7.65 14.40
N PRO A 157 31.32 -8.30 14.06
CA PRO A 157 31.90 -8.02 12.76
C PRO A 157 31.22 -8.66 11.56
N GLU A 158 30.52 -9.79 11.72
CA GLU A 158 29.89 -10.45 10.57
C GLU A 158 28.90 -9.50 9.93
N TRP A 159 28.40 -8.57 10.73
CA TRP A 159 27.26 -7.74 10.42
C TRP A 159 27.62 -6.28 10.23
N PHE A 160 28.46 -5.75 11.10
CA PHE A 160 28.82 -4.34 11.09
C PHE A 160 30.33 -4.06 10.98
N GLY A 161 31.11 -5.10 10.70
CA GLY A 161 32.53 -4.96 10.54
C GLY A 161 32.97 -3.85 9.61
N THR A 162 32.75 -4.04 8.32
CA THR A 162 33.08 -3.01 7.35
C THR A 162 31.94 -2.04 7.18
N LEU A 163 32.20 -1.01 6.39
CA LEU A 163 31.16 -0.08 5.96
C LEU A 163 30.08 -0.82 5.21
N GLY A 164 30.49 -1.49 4.15
CA GLY A 164 29.57 -2.31 3.36
C GLY A 164 28.91 -3.45 4.13
N GLU A 165 29.55 -3.86 5.22
CA GLU A 165 28.96 -4.85 6.09
C GLU A 165 27.65 -4.30 6.63
N SER A 166 27.71 -3.07 7.08
CA SER A 166 26.59 -2.46 7.74
C SER A 166 25.50 -2.06 6.73
N PHE A 167 25.93 -1.72 5.53
CA PHE A 167 25.01 -1.43 4.45
C PHE A 167 24.10 -2.63 4.21
N TYR A 168 24.71 -3.78 4.04
CA TYR A 168 23.97 -5.03 3.82
C TYR A 168 23.03 -5.30 5.00
N THR A 169 23.53 -5.11 6.22
CA THR A 169 22.73 -5.42 7.38
C THR A 169 21.56 -4.47 7.49
N LEU A 170 21.82 -3.19 7.28
CA LEU A 170 20.75 -2.18 7.30
C LEU A 170 19.70 -2.34 6.18
N PHE A 171 20.10 -2.83 5.01
CA PHE A 171 19.12 -3.21 4.01
C PHE A 171 18.17 -4.32 4.53
N GLN A 172 18.75 -5.37 5.12
CA GLN A 172 18.01 -6.48 5.72
C GLN A 172 17.00 -5.98 6.75
N VAL A 173 17.46 -5.13 7.67
CA VAL A 173 16.58 -4.49 8.65
C VAL A 173 15.42 -3.73 7.98
N MET A 174 15.72 -3.02 6.89
CA MET A 174 14.68 -2.29 6.19
C MET A 174 13.60 -3.22 5.66
N THR A 175 14.00 -4.31 5.01
CA THR A 175 13.02 -5.32 4.59
C THR A 175 12.40 -6.04 5.80
N LEU A 176 12.73 -5.59 7.01
CA LEU A 176 12.17 -6.13 8.24
C LEU A 176 12.48 -7.63 8.31
N ASP A 177 13.61 -8.02 7.73
CA ASP A 177 13.94 -9.41 7.63
C ASP A 177 14.64 -9.96 8.84
N ASP A 178 13.85 -10.67 9.68
CA ASP A 178 14.37 -11.35 10.84
C ASP A 178 15.09 -10.36 11.70
N TRP A 179 14.63 -9.12 11.69
CA TRP A 179 15.39 -8.02 12.24
C TRP A 179 15.57 -8.10 13.75
N SER A 180 14.56 -8.53 14.49
CA SER A 180 14.65 -8.44 15.96
C SER A 180 15.22 -9.70 16.66
N ASN A 181 14.65 -10.89 16.43
CA ASN A 181 15.29 -12.09 16.96
C ASN A 181 16.66 -12.21 16.28
N GLY A 182 16.68 -11.86 15.00
CA GLY A 182 17.85 -12.09 14.14
C GLY A 182 19.08 -11.20 14.35
N ILE A 183 18.90 -9.90 14.61
CA ILE A 183 20.05 -8.99 14.77
C ILE A 183 20.02 -8.12 16.06
N VAL A 184 18.89 -7.52 16.35
CA VAL A 184 18.88 -6.48 17.39
C VAL A 184 18.95 -7.11 18.77
N ARG A 185 18.28 -8.24 18.96
CA ARG A 185 18.31 -8.88 20.26
C ARG A 185 19.72 -9.37 20.61
N PRO A 186 20.41 -10.07 19.69
CA PRO A 186 21.84 -10.27 19.90
C PRO A 186 22.56 -8.97 20.29
N LEU A 187 22.51 -7.92 19.45
CA LEU A 187 23.13 -6.65 19.78
C LEU A 187 22.83 -6.18 21.21
N MET A 188 21.58 -6.33 21.62
CA MET A 188 21.15 -5.73 22.86
C MET A 188 21.74 -6.44 24.06
N GLU A 189 22.31 -7.62 23.85
CA GLU A 189 22.97 -8.33 24.94
C GLU A 189 24.23 -7.56 25.36
N VAL A 190 25.03 -7.14 24.39
CA VAL A 190 26.19 -6.32 24.68
C VAL A 190 25.75 -4.90 24.91
N TYR A 191 25.07 -4.32 23.96
CA TYR A 191 24.68 -2.92 24.01
C TYR A 191 23.16 -2.74 24.18
N PRO A 192 22.68 -2.70 25.44
CA PRO A 192 21.25 -2.77 25.76
C PRO A 192 20.38 -1.72 25.05
N TYR A 193 21.01 -0.74 24.48
CA TYR A 193 20.29 0.41 24.01
C TYR A 193 20.13 0.43 22.50
N ALA A 194 20.74 -0.55 21.82
CA ALA A 194 20.65 -0.71 20.37
C ALA A 194 19.29 -0.32 19.73
N TRP A 195 18.21 -0.47 20.48
CA TRP A 195 16.88 -0.20 19.97
C TRP A 195 16.68 1.27 19.64
N VAL A 196 17.36 2.11 20.40
CA VAL A 196 17.34 3.55 20.19
C VAL A 196 17.96 3.85 18.86
N PHE A 197 18.81 2.97 18.38
CA PHE A 197 19.30 3.07 16.99
C PHE A 197 18.34 2.39 16.00
N PHE A 198 17.98 1.13 16.23
CA PHE A 198 17.24 0.38 15.21
C PHE A 198 15.75 0.68 15.14
N ILE A 199 15.11 1.00 16.25
CA ILE A 199 13.72 1.37 16.15
C ILE A 199 13.51 2.64 15.30
N PRO A 200 14.25 3.72 15.55
CA PRO A 200 14.15 4.86 14.64
C PRO A 200 14.55 4.57 13.18
N PHE A 201 15.58 3.77 12.95
CA PHE A 201 15.93 3.43 11.58
C PHE A 201 14.73 2.78 10.89
N ILE A 202 14.08 1.85 11.56
CA ILE A 202 12.93 1.18 10.96
C ILE A 202 11.79 2.18 10.66
N PHE A 203 11.35 2.97 11.64
CA PHE A 203 10.23 3.88 11.35
C PHE A 203 10.58 4.85 10.21
N VAL A 204 11.77 5.41 10.18
CA VAL A 204 12.04 6.40 9.12
C VAL A 204 11.95 5.75 7.77
N VAL A 205 12.66 4.66 7.62
CA VAL A 205 12.69 3.96 6.37
C VAL A 205 11.29 3.54 5.94
N THR A 206 10.58 2.76 6.74
CA THR A 206 9.22 2.35 6.39
C THR A 206 8.35 3.57 6.08
N PHE A 207 8.47 4.59 6.94
CA PHE A 207 7.69 5.82 6.76
C PHE A 207 7.89 6.32 5.33
N VAL A 208 9.13 6.64 4.98
CA VAL A 208 9.44 7.12 3.67
C VAL A 208 8.93 6.23 2.55
N MET A 209 9.19 4.93 2.57
CA MET A 209 8.67 4.09 1.49
C MET A 209 7.16 4.33 1.37
N ILE A 210 6.43 4.12 2.46
CA ILE A 210 4.96 4.20 2.38
C ILE A 210 4.54 5.50 1.75
N ASN A 211 4.92 6.60 2.40
CA ASN A 211 4.58 7.94 1.97
C ASN A 211 4.95 8.20 0.54
N LEU A 212 6.16 7.83 0.18
CA LEU A 212 6.59 8.02 -1.19
C LEU A 212 5.56 7.44 -2.15
N VAL A 213 5.07 6.25 -1.83
CA VAL A 213 4.02 5.64 -2.63
C VAL A 213 2.74 6.49 -2.59
N VAL A 214 2.27 6.84 -1.41
CA VAL A 214 1.10 7.72 -1.30
C VAL A 214 1.25 8.97 -2.18
N ALA A 215 2.36 9.68 -1.99
CA ALA A 215 2.64 10.87 -2.78
C ALA A 215 2.52 10.57 -4.27
N ILE A 216 3.14 9.49 -4.74
CA ILE A 216 3.05 9.14 -6.15
C ILE A 216 1.61 9.04 -6.58
N ILE A 217 0.80 8.22 -5.93
CA ILE A 217 -0.56 8.06 -6.41
C ILE A 217 -1.29 9.43 -6.34
N VAL A 218 -1.16 10.15 -5.22
CA VAL A 218 -1.96 11.34 -5.01
C VAL A 218 -1.51 12.50 -5.90
N ASP A 219 -0.22 12.69 -6.05
CA ASP A 219 0.26 13.71 -6.98
C ASP A 219 -0.19 13.43 -8.42
N ALA A 220 -0.34 12.16 -8.77
CA ALA A 220 -0.71 11.80 -10.14
C ALA A 220 -2.18 12.16 -10.38
N MET A 221 -3.02 11.85 -9.40
CA MET A 221 -4.38 12.39 -9.33
C MET A 221 -4.39 13.89 -9.56
N ALA A 222 -3.61 14.61 -8.76
CA ALA A 222 -3.58 16.06 -8.83
C ALA A 222 -3.35 16.61 -10.25
N ILE A 223 -2.55 15.92 -11.07
CA ILE A 223 -2.40 16.35 -12.46
C ILE A 223 -3.57 15.88 -13.33
N LEU A 224 -4.34 14.88 -12.90
CA LEU A 224 -5.46 14.39 -13.70
C LEU A 224 -6.66 15.30 -13.55
N ASN A 225 -6.82 15.87 -12.36
CA ASN A 225 -7.86 16.85 -12.12
C ASN A 225 -7.44 18.16 -12.80
N GLN A 226 -6.13 18.31 -13.01
CA GLN A 226 -5.59 19.47 -13.66
C GLN A 226 -6.06 19.50 -15.11
N LYS A 227 -5.71 18.48 -15.87
CA LYS A 227 -6.09 18.40 -17.27
C LYS A 227 -7.61 18.43 -17.45
N GLU A 228 -8.33 17.88 -16.48
CA GLU A 228 -9.79 17.88 -16.51
C GLU A 228 -10.37 19.28 -16.31
N GLU A 229 -9.91 19.95 -15.25
CA GLU A 229 -10.31 21.33 -14.98
C GLU A 229 -10.00 22.21 -16.18
N GLN A 230 -8.78 22.11 -16.71
CA GLN A 230 -8.40 22.81 -17.96
C GLN A 230 -9.48 22.61 -19.00
N HIS A 231 -9.67 21.35 -19.37
CA HIS A 231 -10.64 20.96 -20.40
C HIS A 231 -12.04 21.55 -20.17
N ILE A 232 -12.45 21.68 -18.91
CA ILE A 232 -13.76 22.21 -18.58
C ILE A 232 -13.72 23.71 -18.46
N ILE A 233 -12.68 24.25 -17.85
CA ILE A 233 -12.49 25.70 -17.82
C ILE A 233 -12.39 26.22 -19.26
N ASP A 234 -11.75 25.44 -20.13
CA ASP A 234 -11.58 25.80 -21.52
C ASP A 234 -12.94 25.93 -22.22
N GLU A 235 -13.94 25.24 -21.67
CA GLU A 235 -15.27 25.20 -22.25
C GLU A 235 -16.11 26.41 -21.88
N VAL A 236 -16.13 26.75 -20.59
CA VAL A 236 -16.89 27.90 -20.11
C VAL A 236 -16.28 29.19 -20.67
N GLN A 237 -15.03 29.15 -21.09
CA GLN A 237 -14.45 30.34 -21.74
C GLN A 237 -14.49 30.24 -23.27
N SER A 238 -14.87 29.09 -23.80
CA SER A 238 -15.14 28.93 -25.23
C SER A 238 -16.57 29.35 -25.50
N HIS A 239 -17.48 28.80 -24.70
CA HIS A 239 -18.84 29.31 -24.64
C HIS A 239 -18.77 30.61 -23.82
N GLU A 240 -19.93 31.17 -23.45
CA GLU A 240 -19.97 32.34 -22.59
C GLU A 240 -19.46 33.69 -23.19
N ASP A 241 -18.16 33.76 -23.53
CA ASP A 241 -17.57 34.90 -24.27
C ASP A 241 -17.33 34.48 -25.74
N ASN A 242 -18.30 33.72 -26.19
CA ASN A 242 -18.63 33.49 -27.59
C ASN A 242 -20.12 33.78 -27.61
N ILE A 243 -20.70 33.82 -26.42
CA ILE A 243 -22.06 34.28 -26.20
C ILE A 243 -21.96 35.73 -25.76
N ASN A 244 -20.72 36.23 -25.77
CA ASN A 244 -20.43 37.63 -25.57
C ASN A 244 -20.34 38.36 -26.91
N ASN A 245 -19.78 37.68 -27.91
CA ASN A 245 -19.66 38.21 -29.25
C ASN A 245 -21.03 38.27 -29.96
N GLU A 246 -22.04 37.70 -29.29
CA GLU A 246 -23.39 37.62 -29.81
C GLU A 246 -24.35 38.52 -29.03
N ILE A 247 -23.96 38.92 -27.82
CA ILE A 247 -24.76 39.84 -27.02
C ILE A 247 -24.23 41.25 -27.18
N ILE A 248 -23.26 41.42 -28.07
CA ILE A 248 -22.80 42.75 -28.45
C ILE A 248 -23.11 43.04 -29.92
N LYS A 249 -23.52 42.01 -30.66
CA LYS A 249 -24.14 42.22 -31.96
C LYS A 249 -25.65 42.19 -31.77
N LEU A 250 -26.07 41.98 -30.53
CA LEU A 250 -27.33 42.49 -30.08
C LEU A 250 -27.12 43.98 -29.97
N ARG A 251 -25.98 44.36 -29.41
CA ARG A 251 -25.63 45.74 -29.10
C ARG A 251 -25.43 46.64 -30.32
N GLU A 252 -24.65 46.13 -31.28
CA GLU A 252 -24.40 46.84 -32.53
C GLU A 252 -25.69 46.98 -33.32
N GLU A 253 -26.43 45.88 -33.35
CA GLU A 253 -27.74 45.82 -34.01
C GLU A 253 -28.78 46.64 -33.26
N ILE A 254 -28.74 46.60 -31.93
CA ILE A 254 -29.74 47.30 -31.12
C ILE A 254 -29.58 48.77 -31.37
N VAL A 255 -28.33 49.18 -31.57
CA VAL A 255 -28.02 50.58 -31.83
C VAL A 255 -28.02 50.84 -33.35
N GLU A 256 -28.02 49.77 -34.14
CA GLU A 256 -28.31 49.91 -35.58
C GLU A 256 -29.79 50.27 -35.77
N LEU A 257 -30.58 50.04 -34.72
CA LEU A 257 -32.01 50.35 -34.72
C LEU A 257 -32.27 51.51 -33.77
N LYS A 258 -31.66 52.64 -34.06
CA LYS A 258 -31.75 53.76 -33.16
C LYS A 258 -31.93 55.07 -33.90
N GLU A 259 -32.27 54.96 -35.19
CA GLU A 259 -32.87 56.06 -35.92
C GLU A 259 -34.37 55.79 -36.13
N LEU A 260 -34.98 55.22 -35.11
CA LEU A 260 -36.41 55.34 -34.87
C LEU A 260 -36.67 56.82 -34.55
N ILE A 261 -35.62 57.50 -34.11
CA ILE A 261 -35.70 58.89 -33.67
C ILE A 261 -35.68 59.90 -34.84
N LYS A 262 -35.14 59.50 -35.98
CA LYS A 262 -35.12 60.38 -37.15
C LYS A 262 -36.54 60.66 -37.61
N THR A 263 -37.36 59.62 -37.62
CA THR A 263 -38.76 59.75 -38.02
C THR A 263 -39.53 60.70 -37.10
N MET B 1 -41.07 -33.94 -19.54
CA MET B 1 -41.32 -33.20 -18.29
C MET B 1 -40.37 -32.04 -18.15
N TYR B 2 -39.90 -31.52 -19.29
CA TYR B 2 -38.98 -30.40 -19.31
C TYR B 2 -39.48 -29.25 -18.46
N LEU B 3 -40.65 -28.74 -18.78
CA LEU B 3 -41.20 -27.64 -18.03
C LEU B 3 -41.50 -28.02 -16.58
N ARG B 4 -41.82 -29.28 -16.32
CA ARG B 4 -42.14 -29.69 -14.94
C ARG B 4 -40.93 -29.56 -14.04
N ILE B 5 -39.76 -29.95 -14.55
CA ILE B 5 -38.52 -29.91 -13.77
C ILE B 5 -37.80 -28.56 -13.85
N THR B 6 -37.89 -27.87 -14.99
CA THR B 6 -37.47 -26.47 -15.07
C THR B 6 -38.08 -25.74 -13.89
N ASN B 7 -39.36 -26.01 -13.63
CA ASN B 7 -40.07 -25.40 -12.52
C ASN B 7 -39.41 -25.68 -11.18
N ILE B 8 -39.00 -26.93 -10.99
CA ILE B 8 -38.37 -27.31 -9.72
C ILE B 8 -36.99 -26.66 -9.59
N VAL B 9 -36.11 -26.96 -10.55
CA VAL B 9 -34.79 -26.33 -10.68
C VAL B 9 -34.81 -24.81 -10.45
N GLU B 10 -35.68 -24.09 -11.15
CA GLU B 10 -35.70 -22.63 -11.10
C GLU B 10 -36.33 -22.07 -9.83
N SER B 11 -36.94 -22.93 -9.02
CA SER B 11 -37.69 -22.45 -7.88
C SER B 11 -36.77 -21.86 -6.84
N SER B 12 -37.34 -21.03 -5.97
CA SER B 12 -36.56 -20.49 -4.86
C SER B 12 -36.23 -21.63 -3.92
N PHE B 13 -37.20 -22.51 -3.68
CA PHE B 13 -37.02 -23.62 -2.76
C PHE B 13 -35.77 -24.49 -3.05
N PHE B 14 -35.73 -25.07 -4.24
CA PHE B 14 -34.58 -25.85 -4.71
C PHE B 14 -33.23 -25.23 -4.34
N THR B 15 -33.06 -23.95 -4.65
CA THR B 15 -31.81 -23.26 -4.40
C THR B 15 -31.57 -23.15 -2.89
N LYS B 16 -32.54 -22.67 -2.14
CA LYS B 16 -32.41 -22.62 -0.66
C LYS B 16 -32.01 -24.01 -0.13
N PHE B 17 -32.59 -25.04 -0.73
CA PHE B 17 -32.33 -26.41 -0.32
C PHE B 17 -30.87 -26.79 -0.51
N ILE B 18 -30.40 -26.79 -1.75
CA ILE B 18 -29.01 -27.13 -2.07
C ILE B 18 -28.03 -26.34 -1.20
N ILE B 19 -28.32 -25.07 -0.98
CA ILE B 19 -27.50 -24.26 -0.09
C ILE B 19 -27.40 -24.88 1.30
N TYR B 20 -28.55 -25.23 1.84
CA TYR B 20 -28.65 -25.76 3.19
C TYR B 20 -27.82 -27.04 3.31
N LEU B 21 -27.90 -27.90 2.30
CA LEU B 21 -27.07 -29.11 2.24
C LEU B 21 -25.60 -28.73 2.27
N ILE B 22 -25.23 -27.73 1.46
CA ILE B 22 -23.85 -27.28 1.40
C ILE B 22 -23.36 -26.85 2.77
N VAL B 23 -24.23 -26.24 3.57
CA VAL B 23 -23.79 -25.75 4.87
C VAL B 23 -23.62 -26.91 5.85
N LEU B 24 -24.62 -27.79 5.91
CA LEU B 24 -24.55 -28.96 6.78
C LEU B 24 -23.30 -29.79 6.47
N ASN B 25 -23.23 -30.25 5.23
CA ASN B 25 -22.11 -31.03 4.73
C ASN B 25 -20.74 -30.37 4.99
N GLY B 26 -20.74 -29.05 5.10
CA GLY B 26 -19.52 -28.33 5.37
C GLY B 26 -19.27 -28.28 6.85
N ILE B 27 -20.34 -28.35 7.62
CA ILE B 27 -20.20 -28.44 9.07
C ILE B 27 -19.67 -29.82 9.41
N THR B 28 -20.13 -30.80 8.65
CA THR B 28 -19.78 -32.18 8.94
C THR B 28 -18.38 -32.54 8.44
N MET B 29 -17.86 -31.78 7.50
CA MET B 29 -16.49 -32.04 7.02
C MET B 29 -15.49 -31.54 8.03
N GLY B 30 -15.89 -30.54 8.81
CA GLY B 30 -15.08 -30.04 9.90
C GLY B 30 -15.11 -31.00 11.06
N LEU B 31 -16.25 -31.63 11.27
CA LEU B 31 -16.37 -32.61 12.35
C LEU B 31 -15.64 -33.89 11.98
N GLU B 32 -15.58 -34.21 10.68
CA GLU B 32 -14.85 -35.38 10.19
C GLU B 32 -13.33 -35.26 10.40
N THR B 33 -12.93 -34.14 10.99
CA THR B 33 -11.54 -33.76 11.07
C THR B 33 -11.03 -34.27 12.40
N SER B 34 -11.98 -34.49 13.32
CA SER B 34 -11.73 -35.04 14.65
C SER B 34 -11.73 -36.57 14.66
N LYS B 35 -10.59 -37.15 15.00
CA LYS B 35 -10.43 -38.61 15.18
C LYS B 35 -11.36 -39.12 16.27
N THR B 36 -11.45 -38.33 17.33
CA THR B 36 -12.42 -38.52 18.39
C THR B 36 -13.87 -38.60 17.88
N PHE B 37 -14.18 -37.86 16.82
CA PHE B 37 -15.55 -37.80 16.32
C PHE B 37 -15.89 -39.03 15.51
N MET B 38 -15.03 -39.35 14.55
CA MET B 38 -15.26 -40.48 13.66
C MET B 38 -15.49 -41.79 14.42
N GLN B 39 -14.69 -42.05 15.44
CA GLN B 39 -14.89 -43.26 16.23
C GLN B 39 -16.32 -43.32 16.80
N SER B 40 -16.84 -42.21 17.28
CA SER B 40 -18.17 -42.20 17.88
C SER B 40 -19.30 -42.07 16.86
N PHE B 41 -19.17 -41.15 15.91
CA PHE B 41 -20.27 -40.82 14.97
C PHE B 41 -19.87 -40.99 13.51
N GLY B 42 -18.74 -41.61 13.22
CA GLY B 42 -18.18 -41.63 11.86
C GLY B 42 -18.95 -42.48 10.87
N VAL B 43 -19.73 -43.40 11.39
CA VAL B 43 -20.67 -44.17 10.58
C VAL B 43 -21.66 -43.22 9.89
N TYR B 44 -22.19 -42.29 10.69
CA TYR B 44 -23.22 -41.36 10.28
C TYR B 44 -22.82 -40.47 9.09
N THR B 45 -21.52 -40.20 8.96
CA THR B 45 -21.09 -39.14 8.07
C THR B 45 -20.56 -39.65 6.72
N THR B 46 -20.25 -40.94 6.64
CA THR B 46 -19.75 -41.48 5.38
C THR B 46 -20.89 -41.74 4.39
N LEU B 47 -22.11 -41.85 4.90
CA LEU B 47 -23.28 -41.96 4.04
C LEU B 47 -23.92 -40.59 3.81
N PHE B 48 -23.93 -39.75 4.86
CA PHE B 48 -24.38 -38.37 4.72
C PHE B 48 -23.62 -37.77 3.56
N ASN B 49 -22.31 -37.95 3.60
CA ASN B 49 -21.45 -37.62 2.49
C ASN B 49 -21.87 -38.34 1.22
N GLN B 50 -22.14 -39.64 1.35
CA GLN B 50 -22.44 -40.47 0.19
C GLN B 50 -23.78 -40.14 -0.47
N ILE B 51 -24.67 -39.48 0.26
CA ILE B 51 -25.99 -39.14 -0.30
C ILE B 51 -26.12 -37.67 -0.66
N VAL B 52 -25.41 -36.80 0.06
CA VAL B 52 -25.33 -35.39 -0.34
C VAL B 52 -24.61 -35.36 -1.67
N ILE B 53 -23.57 -36.17 -1.77
CA ILE B 53 -22.87 -36.33 -3.03
C ILE B 53 -23.88 -36.87 -4.08
N THR B 54 -24.82 -37.69 -3.64
CA THR B 54 -25.78 -38.29 -4.57
C THR B 54 -26.76 -37.23 -5.01
N ILE B 55 -27.38 -36.57 -4.03
CA ILE B 55 -28.30 -35.46 -4.27
C ILE B 55 -27.67 -34.39 -5.18
N PHE B 56 -26.44 -34.02 -4.91
CA PHE B 56 -25.82 -32.98 -5.69
C PHE B 56 -25.72 -33.45 -7.14
N THR B 57 -25.33 -34.71 -7.34
CA THR B 57 -25.18 -35.25 -8.69
C THR B 57 -26.48 -35.11 -9.46
N ILE B 58 -27.57 -35.57 -8.83
CA ILE B 58 -28.92 -35.44 -9.40
C ILE B 58 -29.19 -34.00 -9.84
N GLU B 59 -29.00 -33.07 -8.92
CA GLU B 59 -29.13 -31.64 -9.22
C GLU B 59 -28.36 -31.30 -10.46
N ILE B 60 -27.07 -31.55 -10.46
CA ILE B 60 -26.22 -31.19 -11.60
C ILE B 60 -26.83 -31.75 -12.88
N ILE B 61 -27.44 -32.93 -12.78
CA ILE B 61 -28.09 -33.56 -13.95
C ILE B 61 -29.30 -32.78 -14.44
N LEU B 62 -30.24 -32.57 -13.50
CA LEU B 62 -31.39 -31.72 -13.74
C LEU B 62 -30.99 -30.41 -14.42
N ARG B 63 -30.23 -29.59 -13.70
CA ARG B 63 -29.73 -28.33 -14.23
C ARG B 63 -29.21 -28.43 -15.67
N ILE B 64 -28.59 -29.55 -16.02
CA ILE B 64 -28.10 -29.72 -17.39
C ILE B 64 -29.22 -29.73 -18.43
N TYR B 65 -30.30 -30.49 -18.16
CA TYR B 65 -31.48 -30.49 -19.03
C TYR B 65 -32.08 -29.12 -19.12
N VAL B 66 -32.35 -28.56 -17.95
CA VAL B 66 -32.95 -27.24 -17.86
C VAL B 66 -32.16 -26.14 -18.60
N HIS B 67 -30.86 -26.31 -18.85
CA HIS B 67 -30.10 -25.29 -19.60
C HIS B 67 -29.34 -25.80 -20.81
N ARG B 68 -29.27 -27.12 -20.98
CA ARG B 68 -28.61 -27.75 -22.13
C ARG B 68 -27.20 -27.16 -22.39
N ILE B 69 -26.86 -26.85 -23.64
CA ILE B 69 -25.50 -26.42 -23.98
C ILE B 69 -25.09 -25.16 -23.22
N SER B 70 -26.05 -24.39 -22.75
CA SER B 70 -25.72 -23.14 -22.06
C SER B 70 -25.19 -23.39 -20.63
N PHE B 71 -25.49 -24.55 -20.08
CA PHE B 71 -24.93 -24.97 -18.78
C PHE B 71 -23.40 -25.12 -18.85
N PHE B 72 -22.92 -25.67 -19.96
CA PHE B 72 -21.50 -25.90 -20.15
C PHE B 72 -20.79 -24.66 -20.71
N LYS B 73 -21.44 -23.50 -20.63
CA LYS B 73 -20.80 -22.25 -20.97
C LYS B 73 -20.95 -21.28 -19.81
N ASP B 74 -21.46 -21.79 -18.69
CA ASP B 74 -21.50 -21.01 -17.47
C ASP B 74 -20.28 -21.37 -16.61
N PRO B 75 -19.46 -20.36 -16.26
CA PRO B 75 -18.31 -20.63 -15.40
C PRO B 75 -18.76 -21.33 -14.13
N TRP B 76 -19.75 -20.75 -13.46
CA TRP B 76 -20.17 -21.21 -12.15
C TRP B 76 -20.70 -22.64 -12.15
N SER B 77 -21.30 -23.03 -13.26
CA SER B 77 -21.89 -24.36 -13.34
C SER B 77 -20.79 -25.36 -13.58
N LEU B 78 -19.98 -25.07 -14.59
CA LEU B 78 -18.78 -25.83 -14.91
C LEU B 78 -17.95 -26.16 -13.69
N PHE B 79 -17.84 -25.20 -12.78
CA PHE B 79 -17.23 -25.47 -11.49
C PHE B 79 -17.96 -26.60 -10.79
N ASP B 80 -19.22 -26.34 -10.45
CA ASP B 80 -20.07 -27.32 -9.78
C ASP B 80 -19.95 -28.68 -10.45
N PHE B 81 -19.90 -28.65 -11.78
CA PHE B 81 -19.73 -29.88 -12.52
C PHE B 81 -18.46 -30.60 -12.06
N PHE B 82 -17.32 -29.90 -12.12
CA PHE B 82 -16.06 -30.53 -11.77
C PHE B 82 -16.00 -30.83 -10.27
N VAL B 83 -16.28 -29.82 -9.46
CA VAL B 83 -16.18 -29.97 -8.01
C VAL B 83 -17.06 -31.08 -7.44
N VAL B 84 -18.04 -31.54 -8.22
CA VAL B 84 -18.92 -32.64 -7.78
C VAL B 84 -18.46 -33.90 -8.49
N ALA B 85 -17.89 -33.76 -9.67
CA ALA B 85 -17.31 -34.88 -10.40
C ALA B 85 -16.17 -35.52 -9.59
N ILE B 86 -15.27 -34.66 -9.11
CA ILE B 86 -14.13 -35.06 -8.30
C ILE B 86 -14.60 -35.79 -7.05
N SER B 87 -15.75 -35.40 -6.51
CA SER B 87 -16.33 -36.07 -5.34
C SER B 87 -16.99 -37.41 -5.67
N LEU B 88 -16.96 -37.79 -6.95
CA LEU B 88 -17.60 -39.03 -7.37
C LEU B 88 -16.57 -40.13 -7.55
N VAL B 89 -15.33 -39.76 -7.90
CA VAL B 89 -14.22 -40.70 -7.86
C VAL B 89 -14.21 -41.38 -6.49
N PRO B 90 -14.37 -42.73 -6.49
CA PRO B 90 -14.68 -43.72 -5.43
C PRO B 90 -14.48 -43.27 -3.97
N THR B 91 -15.32 -43.75 -3.06
CA THR B 91 -15.31 -43.22 -1.69
C THR B 91 -13.92 -43.42 -1.13
N SER B 92 -13.29 -44.49 -1.62
CA SER B 92 -11.90 -44.75 -1.40
C SER B 92 -11.38 -44.98 -2.79
N SER B 93 -10.16 -45.45 -2.90
CA SER B 93 -9.66 -45.97 -4.16
C SER B 93 -9.30 -44.83 -5.07
N GLY B 94 -8.88 -45.17 -6.29
CA GLY B 94 -8.23 -44.19 -7.14
C GLY B 94 -7.01 -43.74 -6.37
N PHE B 95 -6.84 -42.43 -6.22
CA PHE B 95 -5.80 -41.91 -5.35
C PHE B 95 -6.47 -41.12 -4.22
N GLU B 96 -5.85 -41.08 -3.05
CA GLU B 96 -6.49 -40.47 -1.87
C GLU B 96 -6.40 -38.94 -1.89
N ILE B 97 -5.81 -38.40 -2.93
CA ILE B 97 -5.67 -36.96 -3.09
C ILE B 97 -6.96 -36.37 -3.65
N LEU B 98 -7.73 -37.18 -4.36
CA LEU B 98 -9.00 -36.72 -4.90
C LEU B 98 -10.08 -36.79 -3.84
N ARG B 99 -9.72 -37.30 -2.66
CA ARG B 99 -10.61 -37.36 -1.50
C ARG B 99 -10.43 -36.13 -0.62
N VAL B 100 -9.30 -35.47 -0.83
CA VAL B 100 -9.00 -34.25 -0.14
C VAL B 100 -9.55 -33.11 -1.01
N LEU B 101 -9.42 -33.26 -2.32
CA LEU B 101 -10.05 -32.35 -3.27
C LEU B 101 -11.56 -32.34 -3.13
N ARG B 102 -12.11 -33.33 -2.46
CA ARG B 102 -13.54 -33.37 -2.24
C ARG B 102 -14.04 -32.18 -1.47
N VAL B 103 -13.27 -31.73 -0.49
CA VAL B 103 -13.77 -30.69 0.39
C VAL B 103 -13.98 -29.38 -0.38
N LEU B 104 -13.28 -29.24 -1.51
CA LEU B 104 -13.48 -28.10 -2.42
C LEU B 104 -14.94 -27.82 -2.79
N ARG B 105 -15.79 -28.85 -2.70
CA ARG B 105 -17.19 -28.70 -2.98
C ARG B 105 -17.89 -27.73 -2.04
N LEU B 106 -17.21 -27.22 -1.03
CA LEU B 106 -17.85 -26.24 -0.16
C LEU B 106 -17.77 -24.90 -0.82
N PHE B 107 -16.97 -24.81 -1.87
CA PHE B 107 -16.85 -23.58 -2.60
C PHE B 107 -18.13 -23.35 -3.39
N ARG B 108 -18.91 -24.40 -3.54
CA ARG B 108 -20.28 -24.28 -4.02
C ARG B 108 -21.16 -23.34 -3.17
N LEU B 109 -20.63 -22.84 -2.07
CA LEU B 109 -21.36 -21.86 -1.30
C LEU B 109 -21.07 -20.50 -1.90
N VAL B 110 -19.96 -20.40 -2.61
CA VAL B 110 -19.60 -19.16 -3.26
C VAL B 110 -20.38 -19.11 -4.56
N THR B 111 -20.49 -20.27 -5.18
CA THR B 111 -21.14 -20.44 -6.48
C THR B 111 -22.65 -20.19 -6.42
N ALA B 112 -23.28 -20.59 -5.32
CA ALA B 112 -24.73 -20.62 -5.21
C ALA B 112 -25.28 -19.43 -4.44
N VAL B 113 -24.45 -18.43 -4.21
CA VAL B 113 -24.88 -17.26 -3.47
C VAL B 113 -24.39 -16.02 -4.23
N PRO B 114 -25.33 -15.22 -4.73
CA PRO B 114 -24.99 -14.23 -5.74
C PRO B 114 -24.19 -13.03 -5.23
N GLN B 115 -24.16 -12.83 -3.92
CA GLN B 115 -23.28 -11.82 -3.32
C GLN B 115 -21.85 -12.29 -3.46
N MET B 116 -21.64 -13.58 -3.16
CA MET B 116 -20.34 -14.23 -3.35
C MET B 116 -19.93 -14.30 -4.82
N ARG B 117 -20.85 -14.69 -5.69
CA ARG B 117 -20.61 -14.70 -7.15
C ARG B 117 -19.99 -13.40 -7.62
N LYS B 118 -20.55 -12.27 -7.23
CA LYS B 118 -20.05 -11.03 -7.80
C LYS B 118 -18.78 -10.61 -7.11
N ILE B 119 -18.75 -10.76 -5.81
CA ILE B 119 -17.53 -10.50 -5.04
C ILE B 119 -16.33 -11.26 -5.69
N VAL B 120 -16.50 -12.51 -6.09
CA VAL B 120 -15.43 -13.22 -6.77
C VAL B 120 -15.18 -12.57 -8.11
N SER B 121 -16.27 -12.31 -8.84
CA SER B 121 -16.23 -11.59 -10.13
C SER B 121 -15.53 -10.26 -10.06
N ALA B 122 -15.83 -9.49 -9.04
CA ALA B 122 -15.16 -8.25 -8.82
C ALA B 122 -13.66 -8.48 -8.79
N LEU B 123 -13.24 -9.47 -7.98
CA LEU B 123 -11.82 -9.78 -7.81
C LEU B 123 -11.18 -10.22 -9.11
N ILE B 124 -11.77 -11.18 -9.82
CA ILE B 124 -11.20 -11.66 -11.09
C ILE B 124 -11.08 -10.57 -12.18
N SER B 125 -11.88 -9.51 -12.10
CA SER B 125 -11.93 -8.49 -13.17
C SER B 125 -10.58 -7.78 -13.47
N VAL B 126 -9.73 -7.64 -12.46
CA VAL B 126 -8.47 -6.92 -12.61
C VAL B 126 -7.42 -7.79 -13.24
N ILE B 127 -7.70 -9.08 -13.35
CA ILE B 127 -6.69 -10.00 -13.81
C ILE B 127 -6.41 -9.81 -15.28
N PRO B 128 -7.42 -10.00 -16.16
CA PRO B 128 -7.08 -10.17 -17.59
C PRO B 128 -6.23 -9.03 -18.14
N GLY B 129 -6.36 -7.86 -17.57
CA GLY B 129 -5.52 -6.73 -17.94
C GLY B 129 -4.15 -6.78 -17.33
N MET B 130 -4.03 -7.51 -16.23
CA MET B 130 -2.74 -7.69 -15.57
C MET B 130 -1.88 -8.69 -16.35
N LEU B 131 -2.54 -9.57 -17.09
CA LEU B 131 -1.89 -10.72 -17.70
C LEU B 131 -0.51 -10.46 -18.27
N SER B 132 -0.41 -9.44 -19.12
CA SER B 132 0.89 -9.08 -19.71
C SER B 132 2.02 -9.07 -18.66
N VAL B 133 1.83 -8.30 -17.60
CA VAL B 133 2.84 -8.10 -16.54
C VAL B 133 3.14 -9.42 -15.80
N ILE B 134 2.11 -10.22 -15.56
CA ILE B 134 2.32 -11.53 -14.99
C ILE B 134 3.30 -12.32 -15.87
N ALA B 135 3.22 -12.15 -17.17
CA ALA B 135 4.15 -12.81 -18.08
C ALA B 135 5.55 -12.20 -17.93
N LEU B 136 5.65 -10.88 -17.85
CA LEU B 136 6.95 -10.22 -17.75
C LEU B 136 7.66 -10.66 -16.47
N MET B 137 6.94 -10.63 -15.35
CA MET B 137 7.48 -11.18 -14.10
C MET B 137 7.89 -12.65 -14.23
N THR B 138 7.08 -13.47 -14.88
CA THR B 138 7.39 -14.88 -15.02
C THR B 138 8.66 -15.06 -15.84
N LEU B 139 8.81 -14.26 -16.88
CA LEU B 139 10.04 -14.36 -17.66
C LEU B 139 11.22 -13.94 -16.78
N PHE B 140 11.04 -12.86 -16.03
CA PHE B 140 12.08 -12.38 -15.12
C PHE B 140 12.48 -13.46 -14.12
N PHE B 141 11.50 -14.08 -13.50
CA PHE B 141 11.75 -15.13 -12.56
C PHE B 141 12.58 -16.19 -13.25
N TYR B 142 12.04 -16.71 -14.33
CA TYR B 142 12.65 -17.81 -15.09
C TYR B 142 14.08 -17.56 -15.56
N ILE B 143 14.37 -16.37 -16.07
CA ILE B 143 15.74 -16.02 -16.41
C ILE B 143 16.63 -16.09 -15.18
N PHE B 144 16.17 -15.46 -14.11
CA PHE B 144 16.90 -15.48 -12.84
C PHE B 144 17.00 -16.92 -12.29
N ALA B 145 15.92 -17.68 -12.39
CA ALA B 145 15.97 -19.07 -12.01
C ALA B 145 17.08 -19.79 -12.76
N ILE B 146 17.16 -19.61 -14.06
CA ILE B 146 18.19 -20.29 -14.85
C ILE B 146 19.55 -19.83 -14.32
N MET B 147 19.64 -18.53 -14.11
CA MET B 147 20.84 -17.88 -13.63
C MET B 147 21.29 -18.34 -12.22
N ALA B 148 20.37 -18.39 -11.27
CA ALA B 148 20.73 -18.76 -9.92
C ALA B 148 21.19 -20.21 -9.90
N THR B 149 20.49 -21.06 -10.65
CA THR B 149 20.73 -22.51 -10.67
C THR B 149 22.13 -22.84 -11.12
N GLN B 150 22.62 -22.21 -12.17
CA GLN B 150 23.95 -22.52 -12.63
C GLN B 150 25.03 -21.66 -11.94
N LEU B 151 24.63 -20.88 -10.96
CA LEU B 151 25.58 -20.14 -10.14
C LEU B 151 25.70 -20.72 -8.73
N PHE B 152 24.60 -21.26 -8.18
CA PHE B 152 24.58 -21.72 -6.79
C PHE B 152 24.10 -23.14 -6.58
N GLY B 153 23.78 -23.88 -7.62
CA GLY B 153 23.20 -25.22 -7.46
C GLY B 153 24.20 -26.32 -7.14
N GLU B 154 25.43 -26.17 -7.64
CA GLU B 154 26.40 -27.24 -7.50
C GLU B 154 26.80 -27.30 -6.03
N ARG B 155 26.86 -26.13 -5.41
CA ARG B 155 27.30 -25.99 -4.02
C ARG B 155 26.13 -25.91 -3.07
N PHE B 156 24.99 -25.40 -3.53
CA PHE B 156 23.80 -25.30 -2.71
C PHE B 156 22.59 -25.99 -3.32
N PRO B 157 22.66 -27.30 -3.46
CA PRO B 157 21.62 -28.05 -4.15
C PRO B 157 20.25 -27.92 -3.53
N GLU B 158 20.16 -27.72 -2.19
CA GLU B 158 18.84 -27.71 -1.56
C GLU B 158 18.00 -26.58 -2.08
N TRP B 159 18.68 -25.50 -2.45
CA TRP B 159 18.05 -24.23 -2.74
C TRP B 159 18.06 -23.88 -4.21
N PHE B 160 19.02 -24.46 -4.93
CA PHE B 160 19.33 -24.04 -6.26
C PHE B 160 19.82 -25.19 -7.17
N GLY B 161 19.64 -26.43 -6.71
CA GLY B 161 20.01 -27.59 -7.52
C GLY B 161 19.25 -27.76 -8.82
N THR B 162 18.10 -27.13 -8.94
CA THR B 162 17.18 -27.30 -10.06
C THR B 162 16.48 -25.98 -10.35
N LEU B 163 16.04 -25.82 -11.59
CA LEU B 163 15.19 -24.71 -12.01
C LEU B 163 14.03 -24.59 -11.06
N GLY B 164 13.30 -25.69 -10.89
CA GLY B 164 12.18 -25.73 -9.93
C GLY B 164 12.64 -25.27 -8.56
N GLU B 165 13.71 -25.90 -8.10
CA GLU B 165 14.34 -25.52 -6.87
C GLU B 165 14.56 -24.03 -6.74
N SER B 166 15.29 -23.44 -7.69
CA SER B 166 15.56 -22.00 -7.71
C SER B 166 14.30 -21.15 -7.94
N PHE B 167 13.29 -21.73 -8.60
CA PHE B 167 12.02 -21.04 -8.74
C PHE B 167 11.40 -20.86 -7.38
N TYR B 168 11.46 -21.95 -6.60
CA TYR B 168 10.93 -21.92 -5.25
C TYR B 168 11.65 -20.85 -4.42
N THR B 169 12.96 -20.89 -4.42
CA THR B 169 13.72 -20.02 -3.52
C THR B 169 13.49 -18.57 -3.88
N LEU B 170 13.57 -18.29 -5.18
CA LEU B 170 13.32 -16.95 -5.67
C LEU B 170 11.92 -16.46 -5.31
N PHE B 171 10.95 -17.38 -5.29
CA PHE B 171 9.68 -16.97 -4.78
C PHE B 171 9.81 -16.60 -3.31
N GLN B 172 10.56 -17.39 -2.55
CA GLN B 172 10.72 -17.13 -1.11
C GLN B 172 11.27 -15.74 -0.95
N VAL B 173 12.40 -15.52 -1.63
CA VAL B 173 13.05 -14.23 -1.57
C VAL B 173 12.08 -13.12 -1.94
N MET B 174 11.19 -13.36 -2.91
CA MET B 174 10.23 -12.33 -3.30
C MET B 174 9.32 -11.96 -2.13
N THR B 175 8.73 -12.95 -1.47
CA THR B 175 8.01 -12.65 -0.22
C THR B 175 8.91 -12.18 0.95
N LEU B 176 10.18 -11.88 0.66
CA LEU B 176 11.15 -11.37 1.65
C LEU B 176 11.26 -12.24 2.92
N ASP B 177 10.96 -13.53 2.80
CA ASP B 177 10.79 -14.44 3.94
C ASP B 177 12.08 -14.96 4.40
N ASP B 178 12.59 -14.41 5.50
CA ASP B 178 13.88 -14.87 6.04
C ASP B 178 14.96 -14.99 4.95
N TRP B 179 15.04 -14.00 4.10
CA TRP B 179 15.85 -14.13 2.92
C TRP B 179 17.35 -13.92 3.19
N SER B 180 17.69 -13.04 4.13
CA SER B 180 19.09 -12.68 4.34
C SER B 180 19.81 -13.58 5.33
N ASN B 181 19.33 -13.75 6.56
CA ASN B 181 20.02 -14.71 7.44
C ASN B 181 19.72 -16.11 6.90
N GLY B 182 18.56 -16.26 6.26
CA GLY B 182 18.08 -17.54 5.82
C GLY B 182 18.65 -18.16 4.53
N ILE B 183 19.11 -17.34 3.60
CA ILE B 183 19.59 -17.86 2.32
C ILE B 183 20.85 -17.17 1.82
N VAL B 184 20.77 -15.86 1.78
CA VAL B 184 21.82 -15.08 1.18
C VAL B 184 23.12 -15.02 1.97
N ARG B 185 23.08 -14.90 3.29
CA ARG B 185 24.30 -14.82 4.04
C ARG B 185 25.03 -16.15 3.96
N PRO B 186 24.26 -17.27 4.07
CA PRO B 186 24.96 -18.50 3.83
C PRO B 186 25.55 -18.60 2.48
N LEU B 187 24.82 -18.16 1.47
CA LEU B 187 25.30 -18.24 0.12
C LEU B 187 26.60 -17.49 0.09
N MET B 188 26.60 -16.33 0.75
CA MET B 188 27.72 -15.39 0.77
C MET B 188 29.00 -15.83 1.44
N GLU B 189 28.95 -16.79 2.37
CA GLU B 189 30.19 -17.32 2.89
C GLU B 189 31.00 -18.04 1.83
N VAL B 190 30.34 -18.81 0.99
CA VAL B 190 30.95 -19.38 -0.22
C VAL B 190 31.06 -18.36 -1.37
N TYR B 191 30.06 -17.51 -1.56
CA TYR B 191 30.06 -16.57 -2.68
C TYR B 191 29.82 -15.13 -2.22
N PRO B 192 30.90 -14.42 -1.91
CA PRO B 192 30.83 -13.08 -1.33
C PRO B 192 29.98 -12.10 -2.09
N TYR B 193 29.74 -12.32 -3.38
CA TYR B 193 29.00 -11.34 -4.19
C TYR B 193 27.56 -11.69 -4.43
N ALA B 194 27.04 -12.73 -3.78
CA ALA B 194 25.63 -13.10 -3.91
C ALA B 194 24.64 -11.91 -3.76
N TRP B 195 25.06 -10.90 -2.98
CA TRP B 195 24.21 -9.74 -2.79
C TRP B 195 23.98 -8.99 -4.07
N VAL B 196 24.95 -9.04 -4.96
CA VAL B 196 24.81 -8.35 -6.25
C VAL B 196 23.77 -9.07 -7.08
N PHE B 197 23.57 -10.35 -6.81
CA PHE B 197 22.43 -11.04 -7.43
C PHE B 197 21.11 -10.64 -6.74
N PHE B 198 20.94 -11.05 -5.51
CA PHE B 198 19.65 -10.99 -4.84
C PHE B 198 19.08 -9.59 -4.51
N ILE B 199 19.94 -8.61 -4.27
CA ILE B 199 19.40 -7.29 -3.97
C ILE B 199 18.76 -6.65 -5.22
N PRO B 200 19.48 -6.66 -6.37
CA PRO B 200 18.78 -6.28 -7.58
C PRO B 200 17.49 -7.06 -7.76
N PHE B 201 17.53 -8.38 -7.64
CA PHE B 201 16.29 -9.17 -7.74
C PHE B 201 15.17 -8.62 -6.85
N ILE B 202 15.49 -8.29 -5.60
CA ILE B 202 14.49 -7.84 -4.65
C ILE B 202 13.85 -6.55 -5.10
N PHE B 203 14.66 -5.60 -5.56
CA PHE B 203 14.12 -4.32 -6.04
C PHE B 203 13.12 -4.52 -7.19
N VAL B 204 13.60 -5.11 -8.28
CA VAL B 204 12.76 -5.34 -9.43
C VAL B 204 11.44 -5.97 -9.02
N VAL B 205 11.50 -7.15 -8.46
CA VAL B 205 10.31 -7.83 -7.97
C VAL B 205 9.43 -6.84 -7.21
N THR B 206 9.99 -6.19 -6.19
CA THR B 206 9.18 -5.36 -5.30
C THR B 206 8.68 -4.13 -6.01
N PHE B 207 9.59 -3.44 -6.71
CA PHE B 207 9.22 -2.29 -7.55
C PHE B 207 8.05 -2.55 -8.53
N VAL B 208 8.09 -3.69 -9.22
CA VAL B 208 7.05 -4.03 -10.16
C VAL B 208 5.73 -4.16 -9.42
N MET B 209 5.72 -4.88 -8.31
CA MET B 209 4.45 -5.10 -7.62
C MET B 209 3.81 -3.74 -7.24
N ILE B 210 4.56 -2.95 -6.51
CA ILE B 210 4.04 -1.72 -5.95
C ILE B 210 3.46 -0.84 -7.05
N ASN B 211 4.30 -0.51 -8.04
CA ASN B 211 3.85 0.31 -9.20
C ASN B 211 2.62 -0.26 -9.94
N LEU B 212 2.64 -1.56 -10.21
CA LEU B 212 1.43 -2.27 -10.64
C LEU B 212 0.19 -1.81 -9.81
N VAL B 213 0.36 -1.72 -8.50
CA VAL B 213 -0.72 -1.30 -7.62
C VAL B 213 -1.04 0.17 -7.82
N VAL B 214 -0.02 0.99 -8.04
CA VAL B 214 -0.27 2.40 -8.27
C VAL B 214 -1.05 2.56 -9.59
N ALA B 215 -0.53 1.99 -10.66
CA ALA B 215 -1.16 2.05 -11.96
C ALA B 215 -2.66 1.72 -11.91
N ILE B 216 -3.01 0.57 -11.33
CA ILE B 216 -4.42 0.19 -11.21
C ILE B 216 -5.22 1.30 -10.56
N ILE B 217 -4.77 1.76 -9.41
CA ILE B 217 -5.47 2.81 -8.67
C ILE B 217 -5.49 4.07 -9.53
N VAL B 218 -4.35 4.42 -10.09
CA VAL B 218 -4.18 5.75 -10.66
C VAL B 218 -4.92 5.82 -11.99
N ASP B 219 -4.97 4.71 -12.72
CA ASP B 219 -5.67 4.64 -14.00
C ASP B 219 -7.19 4.53 -13.84
N ALA B 220 -7.65 3.82 -12.83
CA ALA B 220 -9.07 3.72 -12.57
C ALA B 220 -9.61 5.10 -12.25
N MET B 221 -8.87 5.90 -11.46
CA MET B 221 -9.34 7.22 -11.07
C MET B 221 -9.22 8.18 -12.27
N ALA B 222 -8.52 7.76 -13.33
CA ALA B 222 -8.52 8.50 -14.58
C ALA B 222 -9.86 8.34 -15.27
N ILE B 223 -10.18 7.12 -15.68
CA ILE B 223 -11.48 6.77 -16.24
C ILE B 223 -12.67 7.41 -15.49
N LEU B 224 -12.59 7.54 -14.18
CA LEU B 224 -13.70 8.11 -13.44
C LEU B 224 -13.79 9.61 -13.76
N ASN B 225 -12.66 10.24 -14.05
CA ASN B 225 -12.64 11.66 -14.37
C ASN B 225 -13.18 11.88 -15.76
N GLN B 226 -12.76 11.02 -16.69
CA GLN B 226 -13.36 10.94 -18.02
C GLN B 226 -14.88 11.05 -17.99
N LYS B 227 -15.57 10.07 -17.42
CA LYS B 227 -17.01 10.10 -17.50
C LYS B 227 -17.62 11.26 -16.70
N GLU B 228 -16.86 11.81 -15.76
CA GLU B 228 -17.36 12.95 -14.98
C GLU B 228 -17.19 14.21 -15.77
N GLU B 229 -16.07 14.29 -16.47
CA GLU B 229 -15.77 15.46 -17.28
C GLU B 229 -16.82 15.59 -18.37
N GLN B 230 -17.06 14.53 -19.12
CA GLN B 230 -18.02 14.62 -20.23
C GLN B 230 -19.43 14.76 -19.67
N HIS B 231 -19.66 14.26 -18.46
CA HIS B 231 -20.95 14.50 -17.81
C HIS B 231 -21.07 16.01 -17.65
N ILE B 232 -20.11 16.61 -16.97
CA ILE B 232 -20.08 18.06 -16.79
C ILE B 232 -19.99 18.80 -18.14
N ILE B 233 -19.10 18.35 -19.03
CA ILE B 233 -18.89 19.04 -20.31
C ILE B 233 -20.16 19.10 -21.16
N ASP B 234 -20.93 18.01 -21.18
CA ASP B 234 -22.23 18.00 -21.87
C ASP B 234 -23.20 19.02 -21.31
N GLU B 235 -23.21 19.18 -20.00
CA GLU B 235 -24.27 19.90 -19.31
C GLU B 235 -24.07 21.41 -19.36
N VAL B 236 -22.87 21.87 -19.68
CA VAL B 236 -22.69 23.29 -19.84
C VAL B 236 -23.26 23.64 -21.22
N GLN B 237 -23.08 22.75 -22.20
CA GLN B 237 -23.58 22.98 -23.55
C GLN B 237 -25.10 22.96 -23.60
N SER B 238 -25.73 22.09 -22.81
CA SER B 238 -27.19 22.05 -22.73
C SER B 238 -27.77 23.36 -22.23
N HIS B 239 -27.03 24.04 -21.37
CA HIS B 239 -27.50 25.29 -20.77
C HIS B 239 -26.69 26.47 -21.27
N GLU B 240 -25.95 26.27 -22.34
CA GLU B 240 -25.26 27.39 -23.00
C GLU B 240 -25.38 27.36 -24.52
N ASP B 241 -25.87 26.26 -25.07
CA ASP B 241 -26.37 26.26 -26.42
C ASP B 241 -27.84 26.68 -26.34
N ASN B 242 -28.38 26.64 -25.13
CA ASN B 242 -29.71 27.19 -24.87
C ASN B 242 -29.69 28.71 -24.86
N ILE B 243 -28.64 29.29 -24.25
CA ILE B 243 -28.53 30.75 -24.15
C ILE B 243 -28.42 31.37 -25.52
N ASN B 244 -27.33 31.08 -26.24
CA ASN B 244 -27.08 31.74 -27.50
C ASN B 244 -28.17 31.48 -28.54
N ASN B 245 -29.00 30.48 -28.31
CA ASN B 245 -30.12 30.22 -29.21
C ASN B 245 -31.27 31.17 -28.93
N GLU B 246 -31.56 31.44 -27.65
CA GLU B 246 -32.57 32.46 -27.33
C GLU B 246 -32.04 33.86 -27.06
N ILE B 247 -30.90 34.16 -27.68
CA ILE B 247 -30.40 35.51 -27.91
C ILE B 247 -30.29 35.73 -29.43
N ILE B 248 -30.23 34.61 -30.13
CA ILE B 248 -30.41 34.64 -31.57
C ILE B 248 -31.85 35.08 -31.68
N LYS B 249 -32.72 34.53 -30.85
CA LYS B 249 -34.12 34.88 -30.91
C LYS B 249 -34.29 36.37 -30.66
N LEU B 250 -33.63 36.87 -29.63
CA LEU B 250 -33.69 38.29 -29.33
C LEU B 250 -33.03 39.17 -30.38
N ARG B 251 -31.94 38.69 -30.96
CA ARG B 251 -31.30 39.45 -32.01
C ARG B 251 -32.32 39.61 -33.13
N GLU B 252 -33.01 38.52 -33.48
CA GLU B 252 -34.01 38.58 -34.54
C GLU B 252 -35.17 39.50 -34.16
N GLU B 253 -35.62 39.42 -32.92
CA GLU B 253 -36.75 40.20 -32.44
C GLU B 253 -36.42 41.64 -32.65
N ILE B 254 -35.15 41.99 -32.48
CA ILE B 254 -34.78 43.33 -32.85
C ILE B 254 -34.88 43.57 -34.38
N VAL B 255 -34.60 42.57 -35.20
CA VAL B 255 -34.62 42.77 -36.65
C VAL B 255 -36.06 42.65 -37.14
N GLU B 256 -36.97 42.33 -36.20
CA GLU B 256 -38.41 42.41 -36.46
C GLU B 256 -38.82 43.87 -36.56
N LEU B 257 -38.01 44.75 -35.98
CA LEU B 257 -38.25 46.18 -36.06
C LEU B 257 -37.52 46.75 -37.26
N LYS B 258 -37.49 45.95 -38.32
CA LYS B 258 -37.18 46.37 -39.67
C LYS B 258 -38.29 47.29 -40.14
N GLU B 259 -39.49 47.08 -39.59
CA GLU B 259 -40.67 47.84 -39.95
C GLU B 259 -40.47 49.35 -39.85
N LEU B 260 -39.26 49.77 -39.45
CA LEU B 260 -38.78 51.12 -39.74
C LEU B 260 -38.54 51.25 -41.24
N ILE B 261 -38.54 50.11 -41.93
CA ILE B 261 -38.47 49.99 -43.38
C ILE B 261 -39.75 50.49 -44.02
N LYS B 262 -40.74 50.78 -43.18
CA LYS B 262 -42.02 51.31 -43.63
C LYS B 262 -41.87 52.61 -44.38
N THR B 263 -41.00 53.49 -43.89
CA THR B 263 -40.79 54.77 -44.56
C THR B 263 -40.11 54.55 -45.91
N MET C 1 -37.37 16.87 39.54
CA MET C 1 -36.11 17.55 39.96
C MET C 1 -34.99 16.53 40.15
N TYR C 2 -35.09 15.41 39.44
CA TYR C 2 -33.94 14.55 39.20
C TYR C 2 -32.99 15.32 38.31
N LEU C 3 -33.55 16.22 37.51
CA LEU C 3 -32.83 16.90 36.46
C LEU C 3 -31.59 17.51 37.05
N ARG C 4 -31.63 17.81 38.35
CA ARG C 4 -30.46 18.34 38.99
C ARG C 4 -29.26 17.48 38.69
N ILE C 5 -29.31 16.21 39.05
CA ILE C 5 -28.12 15.38 38.86
C ILE C 5 -27.77 15.33 37.37
N THR C 6 -28.79 15.30 36.53
CA THR C 6 -28.61 15.30 35.06
C THR C 6 -27.72 16.45 34.59
N ASN C 7 -27.85 17.60 35.24
CA ASN C 7 -27.06 18.75 34.85
C ASN C 7 -25.62 18.57 35.29
N ILE C 8 -25.39 17.63 36.19
CA ILE C 8 -24.04 17.42 36.71
C ILE C 8 -23.31 16.33 35.92
N VAL C 9 -23.96 15.19 35.68
CA VAL C 9 -23.44 14.19 34.75
C VAL C 9 -23.02 14.82 33.43
N GLU C 10 -23.86 15.71 32.92
CA GLU C 10 -23.58 16.43 31.68
C GLU C 10 -22.55 17.55 31.83
N SER C 11 -22.24 17.95 33.05
CA SER C 11 -21.37 19.09 33.29
C SER C 11 -20.04 18.88 32.64
N SER C 12 -19.34 19.97 32.39
CA SER C 12 -17.98 19.87 31.90
C SER C 12 -17.10 19.20 32.96
N PHE C 13 -17.37 19.47 34.24
CA PHE C 13 -16.50 18.97 35.30
C PHE C 13 -16.68 17.47 35.55
N PHE C 14 -17.89 16.96 35.40
CA PHE C 14 -18.11 15.53 35.57
C PHE C 14 -17.21 14.74 34.62
N THR C 15 -17.31 15.04 33.33
CA THR C 15 -16.48 14.39 32.32
C THR C 15 -14.99 14.63 32.59
N LYS C 16 -14.58 15.88 32.77
CA LYS C 16 -13.17 16.21 32.96
C LYS C 16 -12.58 15.53 34.19
N PHE C 17 -13.39 15.32 35.21
CA PHE C 17 -12.90 14.67 36.43
C PHE C 17 -12.62 13.17 36.19
N ILE C 18 -13.58 12.48 35.58
CA ILE C 18 -13.44 11.09 35.23
C ILE C 18 -12.22 10.85 34.33
N ILE C 19 -11.93 11.77 33.42
CA ILE C 19 -10.73 11.64 32.57
C ILE C 19 -9.44 11.80 33.37
N TYR C 20 -9.42 12.72 34.34
CA TYR C 20 -8.30 12.83 35.27
C TYR C 20 -8.11 11.50 35.96
N LEU C 21 -9.22 10.89 36.39
CA LEU C 21 -9.16 9.61 37.06
C LEU C 21 -8.59 8.56 36.13
N ILE C 22 -9.24 8.37 34.98
CA ILE C 22 -8.84 7.37 33.99
C ILE C 22 -7.36 7.50 33.64
N VAL C 23 -6.87 8.71 33.48
CA VAL C 23 -5.46 8.91 33.26
C VAL C 23 -4.65 8.52 34.47
N LEU C 24 -5.06 8.99 35.64
CA LEU C 24 -4.30 8.72 36.87
C LEU C 24 -4.17 7.23 37.12
N ASN C 25 -5.31 6.57 37.34
CA ASN C 25 -5.34 5.12 37.52
C ASN C 25 -4.53 4.45 36.44
N GLY C 26 -4.51 5.03 35.25
CA GLY C 26 -3.74 4.51 34.14
C GLY C 26 -2.26 4.68 34.33
N ILE C 27 -1.85 5.72 35.06
CA ILE C 27 -0.44 5.86 35.39
C ILE C 27 -0.03 4.88 36.50
N THR C 28 -0.96 4.56 37.40
CA THR C 28 -0.69 3.58 38.43
C THR C 28 -0.72 2.15 37.86
N MET C 29 -1.53 1.88 36.83
CA MET C 29 -1.56 0.55 36.22
C MET C 29 -0.14 0.18 35.77
N GLY C 30 0.53 1.15 35.18
CA GLY C 30 1.89 0.95 34.71
C GLY C 30 2.90 0.70 35.81
N LEU C 31 2.79 1.42 36.91
CA LEU C 31 3.81 1.30 37.98
C LEU C 31 3.62 0.03 38.79
N GLU C 32 2.42 -0.52 38.75
CA GLU C 32 2.15 -1.80 39.36
C GLU C 32 2.82 -2.92 38.55
N THR C 33 3.77 -2.53 37.71
CA THR C 33 4.60 -3.43 36.92
C THR C 33 5.88 -3.68 37.68
N SER C 34 6.50 -2.59 38.12
CA SER C 34 7.72 -2.62 38.90
C SER C 34 7.40 -3.28 40.22
N LYS C 35 7.88 -4.50 40.41
CA LYS C 35 7.72 -5.17 41.70
C LYS C 35 8.58 -4.46 42.74
N THR C 36 9.64 -3.80 42.26
CA THR C 36 10.34 -2.81 43.08
C THR C 36 9.34 -1.88 43.72
N PHE C 37 8.52 -1.24 42.88
CA PHE C 37 7.49 -0.31 43.33
C PHE C 37 6.45 -0.97 44.21
N MET C 38 5.97 -2.14 43.79
CA MET C 38 4.77 -2.70 44.41
C MET C 38 4.98 -3.39 45.76
N GLN C 39 6.20 -3.34 46.26
CA GLN C 39 6.42 -3.66 47.66
C GLN C 39 6.46 -2.33 48.41
N SER C 40 7.37 -1.46 47.99
CA SER C 40 7.54 -0.12 48.57
C SER C 40 6.27 0.76 48.55
N PHE C 41 5.28 0.43 47.71
CA PHE C 41 4.07 1.25 47.58
C PHE C 41 2.82 0.46 47.20
N GLY C 42 2.83 -0.85 47.42
CA GLY C 42 1.70 -1.69 47.06
C GLY C 42 0.39 -1.31 47.71
N VAL C 43 0.39 -1.19 49.04
CA VAL C 43 -0.81 -0.82 49.78
C VAL C 43 -1.23 0.57 49.33
N TYR C 44 -0.23 1.46 49.29
CA TYR C 44 -0.35 2.84 48.82
C TYR C 44 -1.15 3.01 47.52
N THR C 45 -1.17 1.99 46.68
CA THR C 45 -1.72 2.12 45.35
C THR C 45 -2.88 1.17 45.08
N THR C 46 -3.06 0.18 45.93
CA THR C 46 -4.14 -0.75 45.72
C THR C 46 -5.44 -0.09 46.12
N LEU C 47 -5.33 0.89 47.04
CA LEU C 47 -6.48 1.67 47.44
C LEU C 47 -6.86 2.56 46.27
N PHE C 48 -5.85 3.19 45.66
CA PHE C 48 -6.06 4.10 44.55
C PHE C 48 -6.92 3.39 43.50
N ASN C 49 -6.64 2.12 43.27
CA ASN C 49 -7.42 1.31 42.35
C ASN C 49 -8.84 1.05 42.88
N GLN C 50 -8.97 1.03 44.21
CA GLN C 50 -10.25 0.71 44.84
C GLN C 50 -11.17 1.93 44.86
N ILE C 51 -10.57 3.08 45.14
CA ILE C 51 -11.26 4.35 45.01
C ILE C 51 -11.77 4.49 43.57
N VAL C 52 -10.85 4.56 42.61
CA VAL C 52 -11.18 4.71 41.22
C VAL C 52 -12.33 3.80 40.80
N ILE C 53 -12.20 2.52 41.15
CA ILE C 53 -13.12 1.51 40.62
C ILE C 53 -14.53 1.70 41.19
N THR C 54 -14.63 2.24 42.40
CA THR C 54 -15.95 2.50 43.00
C THR C 54 -16.55 3.76 42.41
N ILE C 55 -15.71 4.79 42.26
CA ILE C 55 -16.12 6.02 41.60
C ILE C 55 -16.75 5.68 40.26
N PHE C 56 -16.01 4.99 39.41
CA PHE C 56 -16.53 4.62 38.10
C PHE C 56 -17.85 3.89 38.21
N THR C 57 -17.98 3.04 39.23
CA THR C 57 -19.23 2.33 39.46
C THR C 57 -20.33 3.35 39.71
N ILE C 58 -20.04 4.31 40.59
CA ILE C 58 -20.98 5.42 40.86
C ILE C 58 -21.31 6.13 39.57
N GLU C 59 -20.28 6.65 38.91
CA GLU C 59 -20.44 7.32 37.63
C GLU C 59 -21.35 6.51 36.71
N ILE C 60 -21.08 5.22 36.54
CA ILE C 60 -21.90 4.40 35.64
C ILE C 60 -23.35 4.41 36.14
N ILE C 61 -23.55 4.28 37.44
CA ILE C 61 -24.91 4.27 37.94
C ILE C 61 -25.65 5.56 37.62
N LEU C 62 -24.98 6.68 37.86
CA LEU C 62 -25.59 7.96 37.57
C LEU C 62 -25.90 8.12 36.11
N ARG C 63 -24.97 7.70 35.27
CA ARG C 63 -25.17 7.84 33.85
C ARG C 63 -26.37 7.01 33.49
N ILE C 64 -26.50 5.86 34.12
CA ILE C 64 -27.61 4.99 33.82
C ILE C 64 -28.91 5.67 34.18
N TYR C 65 -28.96 6.24 35.38
CA TYR C 65 -30.18 6.84 35.89
C TYR C 65 -30.61 7.97 34.97
N VAL C 66 -29.65 8.81 34.64
CA VAL C 66 -29.82 9.91 33.70
C VAL C 66 -30.31 9.48 32.31
N HIS C 67 -29.58 8.57 31.67
CA HIS C 67 -29.83 8.16 30.26
C HIS C 67 -30.78 6.95 30.15
N ARG C 68 -31.01 6.23 31.25
CA ARG C 68 -31.98 5.14 31.21
C ARG C 68 -31.69 4.22 30.02
N ILE C 69 -32.72 3.77 29.32
CA ILE C 69 -32.52 2.73 28.35
C ILE C 69 -31.54 3.23 27.32
N SER C 70 -31.68 4.49 26.98
CA SER C 70 -30.85 5.03 25.91
C SER C 70 -29.35 4.76 26.14
N PHE C 71 -29.00 4.41 27.39
CA PHE C 71 -27.62 4.14 27.78
C PHE C 71 -27.14 2.84 27.16
N PHE C 72 -28.03 1.87 27.12
CA PHE C 72 -27.67 0.55 26.65
C PHE C 72 -27.73 0.42 25.13
N LYS C 73 -28.14 1.47 24.45
CA LYS C 73 -28.07 1.48 22.99
C LYS C 73 -26.83 2.24 22.60
N ASP C 74 -26.05 2.66 23.58
CA ASP C 74 -24.80 3.36 23.33
C ASP C 74 -23.61 2.44 23.61
N PRO C 75 -22.89 2.06 22.55
CA PRO C 75 -21.74 1.18 22.66
C PRO C 75 -20.70 1.73 23.63
N TRP C 76 -20.37 2.99 23.43
CA TRP C 76 -19.38 3.67 24.25
C TRP C 76 -19.75 3.56 25.72
N SER C 77 -21.05 3.61 25.98
CA SER C 77 -21.55 3.35 27.32
C SER C 77 -21.43 1.88 27.62
N LEU C 78 -21.96 1.06 26.71
CA LEU C 78 -21.99 -0.38 26.91
C LEU C 78 -20.61 -0.88 27.24
N PHE C 79 -19.61 -0.36 26.52
CA PHE C 79 -18.21 -0.69 26.78
C PHE C 79 -17.78 -0.30 28.18
N ASP C 80 -17.86 0.99 28.47
CA ASP C 80 -17.67 1.51 29.84
C ASP C 80 -18.37 0.62 30.86
N PHE C 81 -19.60 0.22 30.55
CA PHE C 81 -20.35 -0.61 31.45
C PHE C 81 -19.66 -1.95 31.70
N PHE C 82 -19.35 -2.69 30.64
CA PHE C 82 -18.74 -4.02 30.79
C PHE C 82 -17.30 -3.93 31.32
N VAL C 83 -16.50 -3.08 30.74
CA VAL C 83 -15.16 -2.81 31.25
C VAL C 83 -15.11 -2.34 32.73
N VAL C 84 -16.24 -1.92 33.28
CA VAL C 84 -16.31 -1.56 34.70
C VAL C 84 -16.89 -2.75 35.49
N ALA C 85 -17.89 -3.41 34.91
CA ALA C 85 -18.45 -4.60 35.51
C ALA C 85 -17.37 -5.63 35.69
N ILE C 86 -16.60 -5.82 34.63
CA ILE C 86 -15.43 -6.71 34.66
C ILE C 86 -14.60 -6.38 35.90
N SER C 87 -14.19 -5.12 36.00
CA SER C 87 -13.27 -4.74 37.05
C SER C 87 -13.89 -4.95 38.41
N LEU C 88 -15.20 -5.05 38.43
CA LEU C 88 -15.88 -5.26 39.70
C LEU C 88 -15.57 -6.59 40.33
N VAL C 89 -15.49 -7.65 39.54
CA VAL C 89 -15.35 -8.97 40.11
C VAL C 89 -14.13 -8.99 40.98
N PRO C 90 -14.30 -9.43 42.23
CA PRO C 90 -13.26 -9.33 43.24
C PRO C 90 -11.87 -9.45 42.63
N THR C 91 -11.05 -10.27 43.26
CA THR C 91 -9.74 -10.60 42.77
C THR C 91 -9.51 -11.96 43.36
N SER C 92 -8.52 -12.68 42.88
CA SER C 92 -8.31 -14.06 43.28
C SER C 92 -9.44 -14.89 42.65
N SER C 93 -10.66 -14.56 43.04
CA SER C 93 -11.84 -14.95 42.26
C SER C 93 -11.80 -16.44 41.96
N GLY C 94 -12.07 -16.80 40.71
CA GLY C 94 -11.83 -18.16 40.26
C GLY C 94 -10.58 -18.25 39.40
N PHE C 95 -10.15 -17.11 38.86
CA PHE C 95 -9.02 -17.07 37.92
C PHE C 95 -8.50 -15.65 37.70
N GLU C 96 -7.22 -15.48 37.99
CA GLU C 96 -6.52 -14.20 37.83
C GLU C 96 -6.22 -13.98 36.32
N ILE C 97 -7.28 -13.87 35.55
CA ILE C 97 -7.21 -13.58 34.13
C ILE C 97 -8.30 -12.57 33.78
N LEU C 98 -9.21 -12.35 34.72
CA LEU C 98 -10.11 -11.21 34.66
C LEU C 98 -9.45 -10.08 35.44
N ARG C 99 -8.44 -10.42 36.24
CA ARG C 99 -7.67 -9.41 36.94
C ARG C 99 -6.84 -8.69 35.91
N VAL C 100 -6.62 -9.37 34.78
CA VAL C 100 -5.79 -8.81 33.73
C VAL C 100 -6.63 -7.88 32.87
N LEU C 101 -7.83 -8.33 32.53
CA LEU C 101 -8.77 -7.55 31.70
C LEU C 101 -9.05 -6.21 32.32
N ARG C 102 -8.83 -6.09 33.61
CA ARG C 102 -9.21 -4.88 34.30
C ARG C 102 -8.57 -3.73 33.56
N VAL C 103 -7.38 -3.98 33.03
CA VAL C 103 -6.60 -2.93 32.42
C VAL C 103 -7.44 -2.33 31.29
N LEU C 104 -8.21 -3.17 30.62
CA LEU C 104 -9.03 -2.69 29.51
C LEU C 104 -9.82 -1.41 29.88
N ARG C 105 -10.03 -1.17 31.17
CA ARG C 105 -10.70 0.02 31.61
C ARG C 105 -9.95 1.31 31.24
N LEU C 106 -8.75 1.19 30.70
CA LEU C 106 -8.00 2.39 30.34
C LEU C 106 -8.52 2.92 29.00
N PHE C 107 -9.07 2.04 28.18
CA PHE C 107 -9.69 2.46 26.92
C PHE C 107 -10.85 3.41 27.16
N ARG C 108 -11.26 3.58 28.41
CA ARG C 108 -12.26 4.56 28.74
C ARG C 108 -11.80 5.93 28.29
N LEU C 109 -10.50 6.14 28.27
CA LEU C 109 -9.95 7.36 27.69
C LEU C 109 -10.41 7.58 26.26
N VAL C 110 -10.48 6.51 25.46
CA VAL C 110 -11.06 6.61 24.12
C VAL C 110 -12.51 7.01 24.26
N THR C 111 -13.24 6.34 25.12
CA THR C 111 -14.62 6.69 25.36
C THR C 111 -14.80 8.16 25.82
N ALA C 112 -14.05 8.58 26.83
CA ALA C 112 -14.30 9.84 27.53
C ALA C 112 -14.04 11.05 26.65
N VAL C 113 -13.18 10.85 25.67
CA VAL C 113 -12.83 11.86 24.69
C VAL C 113 -13.38 11.61 23.28
N PRO C 114 -13.88 12.68 22.66
CA PRO C 114 -14.14 12.63 21.23
C PRO C 114 -12.81 12.72 20.54
N GLN C 115 -12.79 12.85 19.23
CA GLN C 115 -11.50 12.94 18.54
C GLN C 115 -10.91 11.57 18.61
N MET C 116 -10.74 11.09 19.84
CA MET C 116 -10.38 9.73 20.04
C MET C 116 -11.52 8.90 19.52
N ARG C 117 -12.72 9.28 19.89
CA ARG C 117 -13.87 8.47 19.53
C ARG C 117 -14.13 8.60 18.04
N LYS C 118 -13.93 9.79 17.51
CA LYS C 118 -14.23 10.00 16.12
C LYS C 118 -13.36 9.09 15.30
N ILE C 119 -12.11 9.03 15.70
CA ILE C 119 -11.14 8.23 14.99
C ILE C 119 -11.43 6.72 15.09
N VAL C 120 -11.81 6.25 16.24
CA VAL C 120 -12.14 4.86 16.36
C VAL C 120 -13.31 4.61 15.47
N SER C 121 -14.24 5.53 15.52
CA SER C 121 -15.48 5.48 14.75
C SER C 121 -15.17 5.53 13.28
N ALA C 122 -14.26 6.44 12.94
CA ALA C 122 -13.75 6.55 11.57
C ALA C 122 -13.29 5.20 11.03
N LEU C 123 -12.41 4.54 11.75
CA LEU C 123 -11.83 3.26 11.31
C LEU C 123 -12.89 2.19 11.06
N ILE C 124 -13.72 1.94 12.07
CA ILE C 124 -14.80 0.94 12.03
C ILE C 124 -15.69 1.01 10.80
N SER C 125 -15.94 2.25 10.32
CA SER C 125 -16.86 2.54 9.20
C SER C 125 -16.58 1.79 7.90
N VAL C 126 -15.33 1.43 7.67
CA VAL C 126 -15.02 0.63 6.52
C VAL C 126 -15.49 -0.82 6.73
N ILE C 127 -15.64 -1.24 7.99
CA ILE C 127 -15.92 -2.67 8.26
C ILE C 127 -17.23 -3.20 7.67
N PRO C 128 -18.34 -2.48 7.85
CA PRO C 128 -19.57 -3.10 7.35
C PRO C 128 -19.58 -3.30 5.85
N GLY C 129 -18.94 -2.42 5.11
CA GLY C 129 -18.82 -2.65 3.69
C GLY C 129 -18.10 -3.96 3.40
N MET C 130 -17.30 -4.40 4.39
CA MET C 130 -16.42 -5.58 4.27
C MET C 130 -16.99 -6.93 4.75
N LEU C 131 -18.04 -6.93 5.57
CA LEU C 131 -18.58 -8.18 6.10
C LEU C 131 -18.66 -9.30 5.05
N SER C 132 -19.03 -8.98 3.83
CA SER C 132 -19.10 -10.01 2.78
C SER C 132 -17.76 -10.65 2.51
N VAL C 133 -16.77 -9.84 2.10
CA VAL C 133 -15.43 -10.39 1.83
C VAL C 133 -14.83 -11.13 3.03
N ILE C 134 -14.98 -10.53 4.22
CA ILE C 134 -14.50 -11.18 5.44
C ILE C 134 -15.10 -12.59 5.53
N ALA C 135 -16.35 -12.73 5.14
CA ALA C 135 -16.96 -14.04 5.16
C ALA C 135 -16.41 -14.94 4.08
N LEU C 136 -16.34 -14.47 2.84
CA LEU C 136 -15.79 -15.29 1.76
C LEU C 136 -14.39 -15.81 2.17
N MET C 137 -13.58 -14.93 2.73
CA MET C 137 -12.23 -15.28 3.14
C MET C 137 -12.21 -16.28 4.28
N THR C 138 -13.12 -16.13 5.22
CA THR C 138 -13.23 -17.07 6.30
C THR C 138 -13.64 -18.42 5.78
N LEU C 139 -14.55 -18.45 4.81
CA LEU C 139 -14.85 -19.70 4.15
C LEU C 139 -13.60 -20.25 3.52
N PHE C 140 -12.82 -19.38 2.87
CA PHE C 140 -11.60 -19.80 2.22
C PHE C 140 -10.59 -20.47 3.16
N PHE C 141 -10.50 -19.96 4.38
CA PHE C 141 -9.61 -20.52 5.38
C PHE C 141 -10.13 -21.85 5.83
N TYR C 142 -11.29 -21.82 6.45
CA TYR C 142 -12.02 -23.01 6.78
C TYR C 142 -11.83 -24.14 5.77
N ILE C 143 -12.08 -23.88 4.50
CA ILE C 143 -11.90 -24.92 3.48
C ILE C 143 -10.47 -25.43 3.47
N PHE C 144 -9.49 -24.51 3.44
CA PHE C 144 -8.07 -24.92 3.39
C PHE C 144 -7.52 -25.45 4.72
N ALA C 145 -8.09 -25.03 5.85
CA ALA C 145 -7.80 -25.66 7.11
C ALA C 145 -8.17 -27.13 7.01
N ILE C 146 -9.43 -27.41 6.67
CA ILE C 146 -9.90 -28.80 6.62
C ILE C 146 -8.98 -29.60 5.72
N MET C 147 -8.54 -28.98 4.65
CA MET C 147 -7.73 -29.69 3.68
C MET C 147 -6.31 -29.88 4.24
N ALA C 148 -5.78 -28.85 4.90
CA ALA C 148 -4.40 -28.91 5.39
C ALA C 148 -4.30 -29.92 6.52
N THR C 149 -5.26 -29.84 7.44
CA THR C 149 -5.34 -30.80 8.51
C THR C 149 -5.18 -32.19 7.93
N GLN C 150 -6.06 -32.58 7.03
CA GLN C 150 -6.12 -33.97 6.62
C GLN C 150 -5.05 -34.35 5.60
N LEU C 151 -4.30 -33.38 5.12
CA LEU C 151 -3.17 -33.65 4.23
C LEU C 151 -1.86 -33.78 4.99
N PHE C 152 -1.69 -33.04 6.09
CA PHE C 152 -0.40 -32.99 6.78
C PHE C 152 -0.44 -33.22 8.27
N GLY C 153 -1.60 -33.17 8.88
CA GLY C 153 -1.71 -33.33 10.31
C GLY C 153 -1.10 -34.61 10.89
N GLU C 154 -1.06 -35.67 10.11
CA GLU C 154 -0.47 -36.94 10.56
C GLU C 154 1.01 -36.77 10.92
N ARG C 155 1.81 -36.26 9.99
CA ARG C 155 3.25 -36.18 10.19
C ARG C 155 3.64 -34.84 10.72
N PHE C 156 2.70 -33.92 10.76
CA PHE C 156 3.00 -32.57 11.24
C PHE C 156 1.91 -32.09 12.14
N PRO C 157 1.68 -32.82 13.24
CA PRO C 157 0.51 -32.54 14.06
C PRO C 157 0.62 -31.22 14.80
N GLU C 158 1.82 -30.72 15.01
CA GLU C 158 1.97 -29.48 15.74
C GLU C 158 1.42 -28.33 14.91
N TRP C 159 1.69 -28.38 13.63
CA TRP C 159 1.26 -27.34 12.72
C TRP C 159 -0.16 -27.54 12.14
N PHE C 160 -0.54 -28.79 11.91
CA PHE C 160 -1.71 -29.10 11.16
C PHE C 160 -2.57 -30.21 11.76
N GLY C 161 -2.20 -30.70 12.92
CA GLY C 161 -2.88 -31.84 13.51
C GLY C 161 -4.36 -31.64 13.77
N THR C 162 -4.71 -30.53 14.37
CA THR C 162 -6.07 -30.20 14.73
C THR C 162 -6.59 -29.12 13.78
N LEU C 163 -7.90 -28.94 13.73
CA LEU C 163 -8.51 -27.97 12.81
C LEU C 163 -7.98 -26.59 13.12
N GLY C 164 -8.14 -26.19 14.38
CA GLY C 164 -7.61 -24.93 14.86
C GLY C 164 -6.13 -24.78 14.66
N GLU C 165 -5.42 -25.91 14.69
CA GLU C 165 -4.00 -25.92 14.46
C GLU C 165 -3.71 -25.44 13.04
N SER C 166 -4.47 -25.95 12.09
CA SER C 166 -4.28 -25.57 10.70
C SER C 166 -4.72 -24.12 10.46
N PHE C 167 -5.70 -23.69 11.23
CA PHE C 167 -6.12 -22.31 11.15
C PHE C 167 -4.96 -21.42 11.55
N TYR C 168 -4.33 -21.74 12.67
CA TYR C 168 -3.27 -20.88 13.22
C TYR C 168 -2.13 -20.83 12.24
N THR C 169 -1.84 -21.96 11.61
CA THR C 169 -0.65 -22.04 10.79
C THR C 169 -0.89 -21.27 9.48
N LEU C 170 -2.03 -21.53 8.84
CA LEU C 170 -2.41 -20.77 7.63
C LEU C 170 -2.46 -19.26 7.88
N PHE C 171 -2.84 -18.86 9.10
CA PHE C 171 -2.78 -17.46 9.45
C PHE C 171 -1.34 -16.94 9.41
N GLN C 172 -0.42 -17.73 9.97
CA GLN C 172 0.98 -17.37 9.98
C GLN C 172 1.47 -17.26 8.55
N VAL C 173 1.07 -18.23 7.72
CA VAL C 173 1.56 -18.26 6.34
C VAL C 173 1.02 -17.05 5.60
N MET C 174 -0.18 -16.59 6.00
CA MET C 174 -0.75 -15.38 5.42
C MET C 174 0.11 -14.18 5.69
N THR C 175 0.58 -14.05 6.92
CA THR C 175 1.51 -12.93 7.24
C THR C 175 2.89 -13.20 6.67
N LEU C 176 3.00 -14.27 5.87
CA LEU C 176 4.29 -14.66 5.26
C LEU C 176 5.39 -14.87 6.31
N ASP C 177 5.00 -15.31 7.50
CA ASP C 177 5.91 -15.35 8.62
C ASP C 177 6.68 -16.62 8.71
N ASP C 178 7.95 -16.55 8.30
CA ASP C 178 8.85 -17.70 8.37
C ASP C 178 8.17 -18.82 7.66
N TRP C 179 7.53 -18.52 6.55
CA TRP C 179 6.58 -19.48 5.99
C TRP C 179 7.36 -20.54 5.23
N SER C 180 8.35 -20.11 4.45
CA SER C 180 9.13 -21.08 3.66
C SER C 180 10.15 -21.87 4.50
N ASN C 181 11.15 -21.21 5.08
CA ASN C 181 12.12 -21.96 5.90
C ASN C 181 11.46 -22.61 7.13
N GLY C 182 10.53 -21.94 7.75
CA GLY C 182 9.91 -22.45 8.96
C GLY C 182 8.80 -23.51 8.78
N ILE C 183 8.20 -23.64 7.60
CA ILE C 183 7.03 -24.51 7.48
C ILE C 183 6.97 -25.35 6.22
N VAL C 184 6.97 -24.70 5.08
CA VAL C 184 6.72 -25.41 3.85
C VAL C 184 7.89 -26.32 3.54
N ARG C 185 9.10 -25.77 3.62
CA ARG C 185 10.32 -26.55 3.35
C ARG C 185 10.39 -27.80 4.23
N PRO C 186 10.22 -27.65 5.56
CA PRO C 186 10.01 -28.87 6.33
C PRO C 186 8.93 -29.77 5.74
N LEU C 187 7.72 -29.27 5.55
CA LEU C 187 6.66 -30.08 4.94
C LEU C 187 7.13 -30.84 3.69
N MET C 188 7.85 -30.16 2.81
CA MET C 188 8.22 -30.75 1.53
C MET C 188 9.27 -31.85 1.64
N GLU C 189 9.95 -31.97 2.77
CA GLU C 189 10.93 -33.05 2.91
C GLU C 189 10.19 -34.39 3.07
N VAL C 190 8.91 -34.33 3.39
CA VAL C 190 8.05 -35.54 3.46
C VAL C 190 7.11 -35.56 2.28
N TYR C 191 6.55 -34.40 1.97
CA TYR C 191 5.57 -34.23 0.93
C TYR C 191 6.07 -33.19 -0.11
N PRO C 192 6.85 -33.66 -1.09
CA PRO C 192 7.45 -32.81 -2.12
C PRO C 192 6.54 -31.78 -2.77
N TYR C 193 5.36 -32.15 -3.22
CA TYR C 193 4.50 -31.18 -3.93
C TYR C 193 3.73 -30.21 -3.02
N ALA C 194 3.95 -30.24 -1.72
CA ALA C 194 3.20 -29.39 -0.81
C ALA C 194 3.24 -27.88 -1.18
N TRP C 195 4.08 -27.51 -2.14
CA TRP C 195 4.15 -26.11 -2.62
C TRP C 195 2.93 -25.76 -3.48
N VAL C 196 2.37 -26.79 -4.10
CA VAL C 196 1.16 -26.65 -4.88
C VAL C 196 0.00 -26.23 -3.99
N PHE C 197 0.13 -26.45 -2.70
CA PHE C 197 -0.89 -25.99 -1.74
C PHE C 197 -0.57 -24.63 -1.20
N PHE C 198 0.69 -24.34 -0.92
CA PHE C 198 0.97 -23.09 -0.20
C PHE C 198 1.20 -21.89 -1.10
N ILE C 199 1.79 -22.07 -2.28
CA ILE C 199 1.94 -20.94 -3.17
C ILE C 199 0.55 -20.41 -3.63
N PRO C 200 -0.34 -21.27 -4.12
CA PRO C 200 -1.64 -20.71 -4.46
C PRO C 200 -2.32 -20.04 -3.26
N PHE C 201 -2.32 -20.69 -2.12
CA PHE C 201 -2.87 -20.08 -0.91
C PHE C 201 -2.37 -18.65 -0.71
N ILE C 202 -1.07 -18.46 -0.87
CA ILE C 202 -0.48 -17.18 -0.63
C ILE C 202 -0.91 -16.19 -1.71
N PHE C 203 -0.91 -16.64 -2.96
CA PHE C 203 -1.41 -15.79 -4.00
C PHE C 203 -2.86 -15.35 -3.71
N VAL C 204 -3.75 -16.30 -3.44
CA VAL C 204 -5.15 -15.95 -3.27
C VAL C 204 -5.32 -14.90 -2.19
N VAL C 205 -4.78 -15.18 -1.01
CA VAL C 205 -5.02 -14.33 0.11
C VAL C 205 -4.34 -12.96 -0.05
N THR C 206 -3.14 -12.95 -0.61
CA THR C 206 -2.46 -11.69 -0.90
C THR C 206 -3.26 -10.86 -1.91
N PHE C 207 -3.69 -11.53 -2.98
CA PHE C 207 -4.43 -10.84 -4.03
C PHE C 207 -5.65 -10.21 -3.41
N VAL C 208 -6.41 -10.99 -2.63
CA VAL C 208 -7.64 -10.48 -2.02
C VAL C 208 -7.41 -9.29 -1.11
N MET C 209 -6.39 -9.35 -0.28
CA MET C 209 -6.09 -8.25 0.62
C MET C 209 -5.67 -6.99 -0.13
N ILE C 210 -5.17 -7.10 -1.35
CA ILE C 210 -4.66 -5.91 -2.00
C ILE C 210 -5.76 -5.24 -2.77
N ASN C 211 -6.42 -6.03 -3.59
CA ASN C 211 -7.58 -5.57 -4.32
C ASN C 211 -8.58 -4.89 -3.42
N LEU C 212 -8.90 -5.51 -2.30
CA LEU C 212 -9.81 -4.91 -1.34
C LEU C 212 -9.39 -3.49 -0.97
N VAL C 213 -8.09 -3.29 -0.79
CA VAL C 213 -7.58 -1.94 -0.49
C VAL C 213 -7.76 -1.04 -1.73
N VAL C 214 -7.47 -1.59 -2.91
CA VAL C 214 -7.69 -0.85 -4.14
C VAL C 214 -9.19 -0.52 -4.33
N ALA C 215 -10.06 -1.51 -4.19
CA ALA C 215 -11.50 -1.23 -4.22
C ALA C 215 -11.92 -0.13 -3.23
N ILE C 216 -11.44 -0.15 -2.00
CA ILE C 216 -11.85 0.89 -1.05
C ILE C 216 -11.45 2.30 -1.55
N ILE C 217 -10.19 2.47 -1.95
CA ILE C 217 -9.70 3.78 -2.34
C ILE C 217 -10.42 4.29 -3.58
N VAL C 218 -10.38 3.53 -4.66
CA VAL C 218 -11.03 3.90 -5.91
C VAL C 218 -12.54 4.05 -5.80
N ASP C 219 -13.24 3.11 -5.19
CA ASP C 219 -14.70 3.31 -5.02
C ASP C 219 -14.96 4.52 -4.11
N ALA C 220 -14.01 4.93 -3.29
CA ALA C 220 -14.19 6.12 -2.46
C ALA C 220 -14.16 7.29 -3.38
N MET C 221 -13.17 7.33 -4.25
CA MET C 221 -13.00 8.46 -5.16
C MET C 221 -14.16 8.58 -6.15
N ALA C 222 -14.80 7.47 -6.47
CA ALA C 222 -15.98 7.52 -7.32
C ALA C 222 -17.13 8.29 -6.64
N ILE C 223 -17.44 7.93 -5.38
CA ILE C 223 -18.41 8.67 -4.58
C ILE C 223 -18.00 10.14 -4.48
N LEU C 224 -16.71 10.42 -4.42
CA LEU C 224 -16.22 11.81 -4.36
C LEU C 224 -16.43 12.57 -5.68
N ASN C 225 -16.57 11.84 -6.79
CA ASN C 225 -16.76 12.47 -8.10
C ASN C 225 -18.23 12.61 -8.43
N GLN C 226 -19.05 11.76 -7.79
CA GLN C 226 -20.50 11.90 -7.87
C GLN C 226 -20.85 13.24 -7.28
N LYS C 227 -20.38 13.46 -6.04
CA LYS C 227 -20.66 14.68 -5.32
C LYS C 227 -20.13 15.89 -6.04
N GLU C 228 -19.01 15.73 -6.76
CA GLU C 228 -18.38 16.89 -7.39
C GLU C 228 -19.18 17.43 -8.57
N GLU C 229 -19.57 16.55 -9.49
CA GLU C 229 -20.29 17.01 -10.67
C GLU C 229 -21.65 17.51 -10.28
N GLN C 230 -22.27 16.92 -9.27
CA GLN C 230 -23.59 17.38 -8.87
C GLN C 230 -23.53 18.74 -8.21
N HIS C 231 -22.37 19.14 -7.72
CA HIS C 231 -22.22 20.46 -7.13
C HIS C 231 -21.88 21.43 -8.24
N ILE C 232 -21.13 20.95 -9.23
CA ILE C 232 -20.77 21.74 -10.40
C ILE C 232 -21.95 21.91 -11.36
N ILE C 233 -22.70 20.84 -11.58
CA ILE C 233 -23.88 20.88 -12.45
C ILE C 233 -25.00 21.68 -11.79
N ASP C 234 -25.33 21.37 -10.54
CA ASP C 234 -26.32 22.17 -9.80
C ASP C 234 -25.94 23.65 -9.68
N GLU C 235 -24.69 23.98 -10.03
CA GLU C 235 -24.25 25.36 -10.16
C GLU C 235 -24.54 25.82 -11.56
N VAL C 236 -23.90 25.18 -12.53
CA VAL C 236 -24.09 25.49 -13.94
C VAL C 236 -25.56 25.64 -14.29
N GLN C 237 -26.38 24.68 -13.87
CA GLN C 237 -27.82 24.73 -14.15
C GLN C 237 -28.53 25.96 -13.56
N SER C 238 -28.27 26.23 -12.28
CA SER C 238 -29.00 27.26 -11.54
C SER C 238 -28.73 28.68 -12.04
N HIS C 239 -27.45 29.03 -12.26
CA HIS C 239 -27.08 30.35 -12.78
C HIS C 239 -27.51 30.52 -14.21
N GLU C 240 -27.25 29.46 -14.95
CA GLU C 240 -27.60 29.37 -16.36
C GLU C 240 -29.05 29.61 -16.40
N ASP C 241 -29.72 29.16 -15.35
CA ASP C 241 -31.08 29.62 -15.05
C ASP C 241 -31.26 31.06 -14.35
N ASN C 242 -30.12 31.56 -13.90
CA ASN C 242 -29.96 32.96 -13.56
C ASN C 242 -30.08 33.84 -14.80
N ILE C 243 -29.57 33.33 -15.93
CA ILE C 243 -29.34 34.14 -17.12
C ILE C 243 -30.64 34.29 -17.89
N ASN C 244 -31.51 33.29 -17.81
CA ASN C 244 -32.84 33.39 -18.42
C ASN C 244 -33.91 34.16 -17.64
N ASN C 245 -33.53 34.70 -16.49
CA ASN C 245 -34.39 35.61 -15.74
C ASN C 245 -34.19 37.06 -16.20
N GLU C 246 -33.00 37.36 -16.71
CA GLU C 246 -32.70 38.67 -17.25
C GLU C 246 -32.84 38.70 -18.76
N ILE C 247 -33.33 37.61 -19.33
CA ILE C 247 -33.50 37.52 -20.78
C ILE C 247 -34.98 37.71 -21.16
N ILE C 248 -35.87 37.29 -20.28
CA ILE C 248 -37.31 37.36 -20.54
C ILE C 248 -37.87 38.75 -20.22
N LYS C 249 -37.13 39.51 -19.40
CA LYS C 249 -37.46 40.91 -19.19
C LYS C 249 -36.41 41.80 -19.86
N LEU C 250 -35.67 41.21 -20.79
CA LEU C 250 -35.02 41.96 -21.87
C LEU C 250 -35.68 41.51 -23.17
N ARG C 251 -36.64 40.59 -23.04
CA ARG C 251 -37.40 40.10 -24.17
C ARG C 251 -38.78 40.78 -24.24
N GLU C 252 -39.58 40.62 -23.20
CA GLU C 252 -40.96 41.11 -23.25
C GLU C 252 -41.14 42.52 -22.70
N GLU C 253 -40.11 43.32 -22.89
CA GLU C 253 -40.25 44.76 -22.96
C GLU C 253 -39.47 45.17 -24.21
N ILE C 254 -38.99 44.20 -24.99
CA ILE C 254 -38.58 44.53 -26.33
C ILE C 254 -39.82 44.30 -27.18
N VAL C 255 -40.91 43.96 -26.49
CA VAL C 255 -42.23 43.81 -27.12
C VAL C 255 -43.12 45.05 -26.95
N GLU C 256 -42.71 45.99 -26.10
CA GLU C 256 -43.45 47.24 -25.89
C GLU C 256 -42.94 48.35 -26.82
N LEU C 257 -41.68 48.25 -27.25
CA LEU C 257 -41.21 49.12 -28.32
C LEU C 257 -41.57 48.50 -29.67
N LYS C 258 -41.88 47.21 -29.64
CA LYS C 258 -42.42 46.52 -30.80
C LYS C 258 -43.91 46.86 -30.95
N GLU C 259 -44.65 46.86 -29.83
CA GLU C 259 -46.06 47.23 -29.84
C GLU C 259 -46.25 48.74 -30.12
N LEU C 260 -45.12 49.45 -30.19
CA LEU C 260 -45.08 50.90 -30.34
C LEU C 260 -45.46 51.36 -31.76
N ILE C 261 -44.65 51.01 -32.75
CA ILE C 261 -44.90 51.42 -34.15
C ILE C 261 -45.04 52.95 -34.29
N MET D 1 28.32 47.83 7.73
CA MET D 1 29.13 46.60 7.54
C MET D 1 28.21 45.41 7.28
N TYR D 2 26.99 45.47 7.84
CA TYR D 2 25.94 44.49 7.59
C TYR D 2 25.85 44.02 6.16
N LEU D 3 25.47 44.91 5.26
CA LEU D 3 25.23 44.54 3.86
C LEU D 3 26.47 43.95 3.15
N ARG D 4 27.67 44.23 3.64
CA ARG D 4 28.87 43.67 3.01
C ARG D 4 28.93 42.18 3.34
N ILE D 5 28.84 41.87 4.63
CA ILE D 5 28.73 40.49 5.10
C ILE D 5 27.52 39.78 4.51
N THR D 6 26.33 40.37 4.68
CA THR D 6 25.07 39.83 4.14
C THR D 6 25.20 39.36 2.69
N ASN D 7 25.98 40.07 1.90
CA ASN D 7 26.06 39.77 0.48
C ASN D 7 27.02 38.65 0.24
N ILE D 8 27.97 38.48 1.16
CA ILE D 8 28.87 37.33 1.15
C ILE D 8 28.09 36.07 1.54
N VAL D 9 27.43 36.13 2.70
CA VAL D 9 26.62 35.01 3.23
C VAL D 9 25.56 34.52 2.24
N GLU D 10 24.90 35.44 1.57
CA GLU D 10 23.87 35.06 0.63
C GLU D 10 24.44 34.64 -0.73
N SER D 11 25.75 34.77 -0.91
CA SER D 11 26.36 34.39 -2.15
C SER D 11 26.12 32.92 -2.43
N SER D 12 26.06 32.58 -3.71
CA SER D 12 26.00 31.17 -4.07
C SER D 12 27.41 30.59 -3.94
N PHE D 13 28.43 31.43 -3.82
CA PHE D 13 29.79 30.95 -3.53
C PHE D 13 29.85 30.45 -2.10
N PHE D 14 29.28 31.24 -1.19
CA PHE D 14 29.23 30.86 0.22
C PHE D 14 28.58 29.49 0.36
N THR D 15 27.32 29.41 -0.06
CA THR D 15 26.53 28.20 -0.06
C THR D 15 27.26 27.04 -0.71
N LYS D 16 27.70 27.19 -1.95
CA LYS D 16 28.40 26.10 -2.65
C LYS D 16 29.69 25.66 -1.93
N PHE D 17 30.34 26.59 -1.24
CA PHE D 17 31.55 26.26 -0.52
C PHE D 17 31.20 25.38 0.68
N ILE D 18 30.25 25.84 1.48
CA ILE D 18 29.76 25.05 2.62
C ILE D 18 29.21 23.67 2.17
N ILE D 19 28.52 23.63 1.04
CA ILE D 19 28.01 22.36 0.51
C ILE D 19 29.19 21.46 0.15
N TYR D 20 30.14 22.03 -0.54
CA TYR D 20 31.35 21.31 -0.93
C TYR D 20 32.00 20.73 0.33
N LEU D 21 32.15 21.58 1.34
CA LEU D 21 32.79 21.21 2.58
C LEU D 21 32.04 20.08 3.27
N ILE D 22 30.71 20.19 3.29
CA ILE D 22 29.83 19.13 3.78
C ILE D 22 30.14 17.82 3.06
N VAL D 23 30.18 17.85 1.73
CA VAL D 23 30.38 16.64 0.95
C VAL D 23 31.75 15.96 1.15
N LEU D 24 32.83 16.71 1.06
CA LEU D 24 34.15 16.11 1.19
C LEU D 24 34.31 15.61 2.62
N ASN D 25 33.74 16.32 3.57
CA ASN D 25 33.80 15.86 4.95
C ASN D 25 33.08 14.51 5.10
N GLY D 26 31.96 14.36 4.40
CA GLY D 26 31.22 13.09 4.37
C GLY D 26 32.05 11.98 3.77
N ILE D 27 32.83 12.30 2.76
CA ILE D 27 33.73 11.32 2.14
C ILE D 27 34.82 10.87 3.14
N THR D 28 35.34 11.78 3.95
CA THR D 28 36.39 11.39 4.88
C THR D 28 35.83 10.56 6.00
N MET D 29 34.55 10.72 6.32
CA MET D 29 34.01 10.04 7.48
C MET D 29 33.81 8.56 7.22
N GLY D 30 33.51 8.23 5.97
CA GLY D 30 33.48 6.83 5.56
C GLY D 30 34.88 6.22 5.51
N LEU D 31 35.87 7.08 5.33
CA LEU D 31 37.25 6.62 5.31
C LEU D 31 37.74 6.26 6.69
N GLU D 32 37.28 7.02 7.69
CA GLU D 32 37.59 6.73 9.09
C GLU D 32 37.14 5.33 9.52
N THR D 33 36.21 4.77 8.75
CA THR D 33 35.62 3.46 9.01
C THR D 33 36.63 2.33 8.83
N SER D 34 37.57 2.55 7.90
CA SER D 34 38.68 1.64 7.68
C SER D 34 39.72 1.77 8.77
N LYS D 35 40.20 0.62 9.25
CA LYS D 35 41.28 0.60 10.23
C LYS D 35 42.62 0.70 9.52
N THR D 36 42.71 0.13 8.32
CA THR D 36 43.89 0.32 7.48
C THR D 36 44.15 1.81 7.27
N PHE D 37 43.20 2.50 6.64
CA PHE D 37 43.31 3.94 6.35
C PHE D 37 43.68 4.76 7.59
N MET D 38 42.93 4.60 8.66
CA MET D 38 43.19 5.31 9.91
C MET D 38 44.64 5.17 10.42
N GLN D 39 45.24 4.00 10.21
CA GLN D 39 46.66 3.82 10.52
C GLN D 39 47.48 4.81 9.66
N SER D 40 47.42 4.62 8.35
CA SER D 40 48.31 5.30 7.41
C SER D 40 47.95 6.77 7.14
N PHE D 41 46.75 7.22 7.50
CA PHE D 41 46.36 8.61 7.20
C PHE D 41 45.40 9.21 8.23
N GLY D 42 45.38 8.66 9.44
CA GLY D 42 44.44 9.10 10.46
C GLY D 42 44.68 10.48 11.03
N VAL D 43 45.91 10.98 10.94
CA VAL D 43 46.21 12.30 11.51
C VAL D 43 45.77 13.39 10.55
N TYR D 44 45.93 13.12 9.25
CA TYR D 44 45.39 13.97 8.18
C TYR D 44 43.90 14.23 8.43
N THR D 45 43.23 13.18 8.91
CA THR D 45 41.79 13.20 9.08
C THR D 45 41.34 14.05 10.25
N THR D 46 41.90 13.79 11.43
CA THR D 46 41.31 14.34 12.65
C THR D 46 41.44 15.86 12.74
N LEU D 47 42.35 16.42 11.95
CA LEU D 47 42.52 17.88 11.90
C LEU D 47 41.48 18.50 10.97
N PHE D 48 41.19 17.82 9.86
CA PHE D 48 40.22 18.31 8.91
C PHE D 48 38.84 18.43 9.56
N ASN D 49 38.53 17.50 10.44
CA ASN D 49 37.33 17.61 11.29
C ASN D 49 37.36 18.94 12.03
N GLN D 50 38.51 19.26 12.62
CA GLN D 50 38.66 20.51 13.37
C GLN D 50 38.42 21.68 12.44
N ILE D 51 39.07 21.67 11.27
CA ILE D 51 38.90 22.71 10.25
C ILE D 51 37.43 22.96 9.90
N VAL D 52 36.77 21.91 9.44
CA VAL D 52 35.39 21.99 9.02
C VAL D 52 34.53 22.41 10.20
N ILE D 53 34.84 21.88 11.38
CA ILE D 53 34.03 22.17 12.56
C ILE D 53 34.15 23.67 12.87
N THR D 54 35.34 24.23 12.64
CA THR D 54 35.55 25.65 12.85
C THR D 54 34.78 26.42 11.79
N ILE D 55 35.13 26.18 10.54
CA ILE D 55 34.49 26.84 9.41
C ILE D 55 32.97 26.89 9.56
N PHE D 56 32.36 25.82 10.03
CA PHE D 56 30.91 25.79 10.20
C PHE D 56 30.49 26.68 11.37
N THR D 57 31.34 26.78 12.39
CA THR D 57 30.99 27.60 13.53
C THR D 57 31.04 29.05 13.09
N ILE D 58 31.99 29.33 12.20
CA ILE D 58 32.08 30.63 11.55
C ILE D 58 30.81 30.86 10.74
N GLU D 59 30.58 29.96 9.78
CA GLU D 59 29.37 30.00 8.95
C GLU D 59 28.11 30.21 9.77
N ILE D 60 27.94 29.47 10.87
CA ILE D 60 26.71 29.60 11.66
C ILE D 60 26.62 31.01 12.28
N ILE D 61 27.76 31.56 12.66
CA ILE D 61 27.78 32.86 13.33
C ILE D 61 27.49 34.00 12.37
N LEU D 62 28.19 33.98 11.24
CA LEU D 62 27.95 34.95 10.16
C LEU D 62 26.45 34.98 9.85
N ARG D 63 25.84 33.81 9.82
CA ARG D 63 24.42 33.70 9.52
C ARG D 63 23.51 34.23 10.64
N ILE D 64 23.94 34.15 11.89
CA ILE D 64 23.08 34.59 13.00
C ILE D 64 23.04 36.10 12.98
N TYR D 65 24.23 36.65 12.76
CA TYR D 65 24.42 38.08 12.51
C TYR D 65 23.52 38.59 11.39
N VAL D 66 23.56 37.92 10.23
CA VAL D 66 22.76 38.33 9.09
C VAL D 66 21.25 38.27 9.35
N HIS D 67 20.81 37.20 10.04
CA HIS D 67 19.38 36.92 10.15
C HIS D 67 18.79 37.36 11.49
N ARG D 68 19.65 37.82 12.40
CA ARG D 68 19.24 38.12 13.78
C ARG D 68 18.33 37.02 14.34
N ILE D 69 17.14 37.36 14.82
CA ILE D 69 16.30 36.39 15.50
C ILE D 69 15.51 35.57 14.51
N SER D 70 15.53 36.00 13.24
CA SER D 70 14.85 35.28 12.18
C SER D 70 15.51 33.92 11.97
N PHE D 71 16.82 33.87 12.19
CA PHE D 71 17.60 32.64 12.13
C PHE D 71 17.11 31.61 13.11
N PHE D 72 16.81 32.05 14.34
CA PHE D 72 16.48 31.14 15.41
C PHE D 72 15.03 30.70 15.41
N LYS D 73 14.22 31.25 14.51
CA LYS D 73 12.87 30.73 14.34
C LYS D 73 12.81 29.87 13.07
N ASP D 74 13.98 29.47 12.58
CA ASP D 74 14.09 28.66 11.37
C ASP D 74 14.57 27.24 11.68
N PRO D 75 13.68 26.26 11.53
CA PRO D 75 13.99 24.85 11.79
C PRO D 75 15.30 24.39 11.16
N TRP D 76 15.47 24.63 9.87
CA TRP D 76 16.64 24.12 9.16
C TRP D 76 17.93 24.71 9.71
N SER D 77 17.80 25.94 10.21
CA SER D 77 18.92 26.66 10.79
C SER D 77 19.15 26.15 12.20
N LEU D 78 18.06 26.06 12.97
CA LEU D 78 18.09 25.42 14.29
C LEU D 78 18.82 24.08 14.24
N PHE D 79 18.47 23.25 13.27
CA PHE D 79 19.16 21.99 13.05
C PHE D 79 20.65 22.24 12.82
N ASP D 80 20.98 22.98 11.75
CA ASP D 80 22.38 23.30 11.41
C ASP D 80 23.14 23.71 12.66
N PHE D 81 22.51 24.57 13.45
CA PHE D 81 23.04 24.99 14.74
C PHE D 81 23.28 23.84 15.72
N PHE D 82 22.20 23.13 16.07
CA PHE D 82 22.25 22.05 17.04
C PHE D 82 23.24 20.97 16.63
N VAL D 83 23.34 20.72 15.34
CA VAL D 83 24.25 19.70 14.85
C VAL D 83 25.70 20.16 14.94
N VAL D 84 25.94 21.46 14.86
CA VAL D 84 27.31 21.94 14.93
C VAL D 84 27.77 21.87 16.38
N ALA D 85 26.82 22.09 17.30
CA ALA D 85 27.09 22.03 18.72
C ALA D 85 27.73 20.71 19.09
N ILE D 86 26.94 19.65 19.01
CA ILE D 86 27.40 18.26 19.17
C ILE D 86 28.83 18.02 18.64
N SER D 87 29.10 18.46 17.41
CA SER D 87 30.39 18.22 16.78
C SER D 87 31.51 18.99 17.46
N LEU D 88 31.11 20.00 18.22
CA LEU D 88 32.00 20.86 18.98
C LEU D 88 32.64 20.19 20.17
N VAL D 89 31.85 19.43 20.92
CA VAL D 89 32.27 19.00 22.24
C VAL D 89 33.55 18.21 22.16
N PRO D 90 34.45 18.44 23.11
CA PRO D 90 35.80 17.88 23.02
C PRO D 90 35.78 16.36 22.95
N THR D 91 36.67 15.79 22.14
CA THR D 91 36.63 14.37 21.86
C THR D 91 36.75 13.56 23.13
N SER D 92 35.93 12.52 23.25
CA SER D 92 35.89 11.73 24.47
C SER D 92 35.20 12.56 25.54
N SER D 93 35.33 12.11 26.79
CA SER D 93 34.76 12.78 28.00
C SER D 93 34.33 11.80 29.10
N GLY D 94 33.87 10.62 28.71
CA GLY D 94 33.29 9.66 29.66
C GLY D 94 32.29 8.80 28.93
N PHE D 95 31.61 9.40 27.97
CA PHE D 95 30.77 8.69 27.03
C PHE D 95 31.15 9.14 25.62
N GLU D 96 31.32 8.19 24.72
CA GLU D 96 31.74 8.48 23.35
C GLU D 96 30.68 8.07 22.33
N ILE D 97 29.45 8.52 22.57
CA ILE D 97 28.44 8.49 21.50
C ILE D 97 28.52 9.81 20.74
N LEU D 98 28.98 10.84 21.43
CA LEU D 98 29.21 12.12 20.79
C LEU D 98 30.27 12.04 19.71
N ARG D 99 31.29 11.19 19.89
CA ARG D 99 32.29 11.03 18.84
C ARG D 99 31.70 10.16 17.71
N VAL D 100 30.41 9.86 17.83
CA VAL D 100 29.69 9.10 16.83
C VAL D 100 28.50 9.90 16.31
N LEU D 101 27.80 10.58 17.21
CA LEU D 101 26.74 11.49 16.82
C LEU D 101 27.21 12.60 15.89
N ARG D 102 28.52 12.81 15.87
CA ARG D 102 29.14 13.78 14.98
C ARG D 102 28.93 13.51 13.51
N VAL D 103 28.45 12.34 13.14
CA VAL D 103 28.26 12.05 11.74
C VAL D 103 26.88 12.52 11.30
N LEU D 104 26.14 13.11 12.24
CA LEU D 104 24.87 13.77 11.91
C LEU D 104 25.06 15.08 11.18
N ARG D 105 26.26 15.62 11.22
CA ARG D 105 26.48 16.89 10.52
C ARG D 105 26.41 16.68 9.02
N LEU D 106 26.31 15.42 8.61
CA LEU D 106 26.21 15.16 7.19
C LEU D 106 24.79 15.47 6.77
N PHE D 107 23.87 15.43 7.72
CA PHE D 107 22.48 15.76 7.42
C PHE D 107 22.30 17.19 7.01
N ARG D 108 23.34 17.99 7.21
CA ARG D 108 23.37 19.37 6.75
C ARG D 108 23.18 19.42 5.23
N LEU D 109 23.80 18.47 4.52
CA LEU D 109 23.57 18.31 3.08
C LEU D 109 22.09 18.31 2.72
N VAL D 110 21.25 17.85 3.61
CA VAL D 110 19.82 17.97 3.38
C VAL D 110 19.42 19.43 3.49
N THR D 111 19.64 20.03 4.65
CA THR D 111 19.24 21.42 4.86
C THR D 111 19.90 22.35 3.82
N ALA D 112 21.10 22.01 3.40
CA ALA D 112 21.89 22.87 2.51
C ALA D 112 21.42 22.83 1.06
N VAL D 113 21.15 21.63 0.55
CA VAL D 113 20.61 21.46 -0.79
C VAL D 113 19.09 21.68 -0.78
N PRO D 114 18.62 22.68 -1.52
CA PRO D 114 17.24 23.14 -1.39
C PRO D 114 16.23 22.10 -1.89
N GLN D 115 16.67 21.20 -2.74
CA GLN D 115 15.79 20.21 -3.35
C GLN D 115 15.51 19.08 -2.37
N MET D 116 16.46 18.84 -1.46
CA MET D 116 16.31 17.81 -0.41
C MET D 116 15.40 18.23 0.75
N ARG D 117 15.54 19.46 1.24
CA ARG D 117 14.69 19.91 2.35
C ARG D 117 13.26 20.06 1.92
N LYS D 118 13.03 20.00 0.61
CA LYS D 118 11.69 20.08 0.08
C LYS D 118 10.96 18.79 0.33
N ILE D 119 11.64 17.70 0.08
CA ILE D 119 11.04 16.36 0.24
C ILE D 119 10.99 15.94 1.72
N VAL D 120 11.93 16.43 2.53
CA VAL D 120 11.81 16.22 3.95
C VAL D 120 10.56 16.92 4.45
N SER D 121 10.35 18.14 3.93
CA SER D 121 9.15 18.94 4.20
C SER D 121 7.89 18.17 3.93
N ALA D 122 7.72 17.75 2.68
CA ALA D 122 6.53 17.00 2.26
C ALA D 122 6.26 15.84 3.22
N LEU D 123 7.31 15.07 3.47
CA LEU D 123 7.29 14.01 4.46
C LEU D 123 6.79 14.50 5.83
N ILE D 124 7.58 15.32 6.52
CA ILE D 124 7.16 15.85 7.81
C ILE D 124 5.70 16.36 7.82
N SER D 125 5.29 16.98 6.71
CA SER D 125 3.97 17.63 6.58
C SER D 125 2.78 16.74 6.85
N VAL D 126 2.95 15.44 6.68
CA VAL D 126 1.93 14.44 7.00
C VAL D 126 1.71 14.21 8.51
N ILE D 127 2.75 14.39 9.33
CA ILE D 127 2.69 14.07 10.77
C ILE D 127 1.58 14.80 11.56
N PRO D 128 1.52 16.14 11.47
CA PRO D 128 0.53 16.84 12.29
C PRO D 128 -0.88 16.28 12.14
N GLY D 129 -1.26 15.97 10.91
CA GLY D 129 -2.51 15.28 10.67
C GLY D 129 -2.74 14.11 11.59
N MET D 130 -1.71 13.28 11.78
CA MET D 130 -1.88 11.97 12.44
C MET D 130 -1.43 11.90 13.89
N LEU D 131 -1.15 13.06 14.47
CA LEU D 131 -0.81 13.13 15.88
C LEU D 131 -1.89 12.55 16.77
N SER D 132 -3.12 12.46 16.28
CA SER D 132 -4.20 11.92 17.12
C SER D 132 -4.12 10.40 17.08
N VAL D 133 -4.14 9.86 15.87
CA VAL D 133 -4.00 8.43 15.63
C VAL D 133 -2.79 7.88 16.37
N ILE D 134 -1.67 8.61 16.27
CA ILE D 134 -0.47 8.24 16.98
C ILE D 134 -0.80 8.02 18.46
N ALA D 135 -1.30 9.06 19.11
CA ALA D 135 -1.70 8.97 20.52
C ALA D 135 -2.58 7.76 20.76
N LEU D 136 -3.60 7.59 19.94
CA LEU D 136 -4.48 6.42 20.04
C LEU D 136 -3.69 5.14 20.13
N MET D 137 -2.89 4.89 19.11
CA MET D 137 -2.01 3.73 19.04
C MET D 137 -0.98 3.64 20.18
N THR D 138 -0.33 4.75 20.52
CA THR D 138 0.58 4.77 21.66
C THR D 138 -0.10 4.30 22.93
N LEU D 139 -1.34 4.72 23.12
CA LEU D 139 -2.11 4.23 24.26
C LEU D 139 -2.38 2.74 24.13
N PHE D 140 -2.86 2.36 22.95
CA PHE D 140 -3.25 1.00 22.68
C PHE D 140 -2.08 0.06 22.99
N PHE D 141 -0.89 0.46 22.56
CA PHE D 141 0.34 -0.31 22.82
C PHE D 141 0.58 -0.47 24.31
N TYR D 142 0.77 0.66 24.99
CA TYR D 142 0.76 0.75 26.45
C TYR D 142 -0.19 -0.22 27.13
N ILE D 143 -1.46 -0.18 26.76
CA ILE D 143 -2.44 -1.04 27.42
C ILE D 143 -2.07 -2.49 27.19
N PHE D 144 -1.84 -2.84 25.94
CA PHE D 144 -1.42 -4.21 25.60
C PHE D 144 -0.07 -4.55 26.19
N ALA D 145 0.84 -3.59 26.26
CA ALA D 145 2.13 -3.81 26.88
C ALA D 145 2.03 -4.08 28.38
N ILE D 146 1.10 -3.40 29.06
CA ILE D 146 0.86 -3.72 30.47
C ILE D 146 0.29 -5.12 30.57
N MET D 147 -0.72 -5.38 29.77
CA MET D 147 -1.38 -6.66 29.77
C MET D 147 -0.48 -7.89 29.56
N ALA D 148 0.55 -7.75 28.76
CA ALA D 148 1.36 -8.88 28.38
C ALA D 148 2.43 -9.09 29.41
N THR D 149 3.01 -7.98 29.90
CA THR D 149 3.97 -8.02 30.99
C THR D 149 3.44 -8.83 32.15
N GLN D 150 2.17 -8.69 32.45
CA GLN D 150 1.59 -9.38 33.59
C GLN D 150 0.81 -10.62 33.21
N LEU D 151 0.90 -11.02 31.96
CA LEU D 151 0.36 -12.29 31.52
C LEU D 151 1.49 -13.28 31.21
N PHE D 152 2.59 -12.80 30.61
CA PHE D 152 3.68 -13.66 30.21
C PHE D 152 5.06 -13.30 30.74
N GLY D 153 5.15 -12.32 31.63
CA GLY D 153 6.46 -11.84 32.07
C GLY D 153 7.19 -12.68 33.10
N GLU D 154 6.43 -13.41 33.92
CA GLU D 154 7.05 -14.23 34.93
C GLU D 154 7.77 -15.39 34.22
N ARG D 155 7.05 -16.06 33.34
CA ARG D 155 7.57 -17.22 32.65
C ARG D 155 8.32 -16.85 31.39
N PHE D 156 8.25 -15.61 30.97
CA PHE D 156 8.94 -15.22 29.73
C PHE D 156 9.60 -13.87 29.90
N PRO D 157 10.54 -13.77 30.83
CA PRO D 157 11.11 -12.51 31.23
C PRO D 157 11.83 -11.73 30.14
N GLU D 158 12.34 -12.38 29.09
CA GLU D 158 13.15 -11.65 28.10
C GLU D 158 12.25 -10.82 27.26
N TRP D 159 11.13 -11.42 26.91
CA TRP D 159 10.15 -10.83 26.03
C TRP D 159 9.17 -9.92 26.77
N PHE D 160 8.95 -10.22 28.04
CA PHE D 160 7.79 -9.68 28.73
C PHE D 160 8.01 -9.33 30.22
N GLY D 161 9.26 -9.33 30.65
CA GLY D 161 9.56 -9.17 32.07
C GLY D 161 9.22 -7.81 32.62
N THR D 162 9.59 -6.77 31.90
CA THR D 162 9.22 -5.41 32.23
C THR D 162 8.26 -4.83 31.19
N LEU D 163 7.70 -3.65 31.48
CA LEU D 163 6.89 -2.89 30.51
C LEU D 163 7.72 -2.63 29.26
N GLY D 164 8.87 -1.96 29.46
CA GLY D 164 9.81 -1.73 28.36
C GLY D 164 10.03 -2.93 27.46
N GLU D 165 10.28 -4.10 28.03
CA GLU D 165 10.51 -5.30 27.24
C GLU D 165 9.28 -5.74 26.48
N SER D 166 8.10 -5.40 27.00
CA SER D 166 6.87 -5.74 26.32
C SER D 166 6.59 -4.82 25.11
N PHE D 167 6.88 -3.52 25.28
CA PHE D 167 6.84 -2.57 24.19
C PHE D 167 7.74 -3.04 23.04
N TYR D 168 8.92 -3.55 23.40
CA TYR D 168 9.87 -3.94 22.38
C TYR D 168 9.41 -5.16 21.62
N THR D 169 8.83 -6.11 22.35
CA THR D 169 8.36 -7.32 21.73
C THR D 169 7.11 -7.01 20.90
N LEU D 170 6.17 -6.23 21.44
CA LEU D 170 4.95 -5.87 20.68
C LEU D 170 5.31 -5.16 19.39
N PHE D 171 6.31 -4.29 19.45
CA PHE D 171 6.78 -3.65 18.24
C PHE D 171 7.34 -4.68 17.28
N GLN D 172 8.01 -5.69 17.82
CA GLN D 172 8.52 -6.75 16.97
C GLN D 172 7.35 -7.43 16.32
N VAL D 173 6.34 -7.74 17.11
CA VAL D 173 5.14 -8.41 16.59
C VAL D 173 4.43 -7.55 15.55
N MET D 174 4.35 -6.26 15.81
CA MET D 174 3.64 -5.34 14.92
C MET D 174 4.23 -5.37 13.51
N THR D 175 5.55 -5.23 13.42
CA THR D 175 6.29 -5.39 12.17
C THR D 175 6.15 -6.78 11.59
N LEU D 176 5.47 -7.68 12.32
CA LEU D 176 5.26 -9.08 11.91
C LEU D 176 6.59 -9.84 11.78
N ASP D 177 7.58 -9.39 12.54
CA ASP D 177 8.93 -9.95 12.45
C ASP D 177 9.09 -11.21 13.28
N ASP D 178 9.10 -12.34 12.61
CA ASP D 178 9.25 -13.60 13.30
C ASP D 178 8.30 -13.78 14.46
N TRP D 179 7.01 -13.50 14.28
CA TRP D 179 6.16 -13.39 15.46
C TRP D 179 5.73 -14.73 16.00
N SER D 180 5.36 -15.65 15.12
CA SER D 180 4.70 -16.91 15.50
C SER D 180 5.69 -18.00 15.90
N ASN D 181 6.53 -18.45 14.96
CA ASN D 181 7.41 -19.49 15.31
C ASN D 181 7.98 -18.93 16.56
N GLY D 182 8.59 -17.74 16.47
CA GLY D 182 9.30 -17.11 17.59
C GLY D 182 8.43 -16.86 18.83
N ILE D 183 8.08 -15.63 19.09
CA ILE D 183 7.40 -15.32 20.36
C ILE D 183 6.15 -16.21 20.57
N VAL D 184 5.25 -16.09 19.64
CA VAL D 184 3.96 -16.67 19.91
C VAL D 184 4.02 -18.17 19.97
N ARG D 185 4.85 -18.80 19.13
CA ARG D 185 4.73 -20.25 19.12
C ARG D 185 5.27 -20.81 20.44
N PRO D 186 6.42 -20.34 20.94
CA PRO D 186 6.84 -20.76 22.23
C PRO D 186 5.88 -20.48 23.34
N LEU D 187 5.25 -19.34 23.36
CA LEU D 187 4.41 -18.96 24.48
C LEU D 187 3.31 -19.95 24.68
N MET D 188 2.72 -20.39 23.60
CA MET D 188 1.57 -21.24 23.66
C MET D 188 1.83 -22.58 24.31
N GLU D 189 3.10 -22.96 24.47
CA GLU D 189 3.43 -24.22 25.11
C GLU D 189 3.07 -24.12 26.59
N VAL D 190 3.35 -22.98 27.20
CA VAL D 190 3.02 -22.72 28.59
C VAL D 190 1.58 -22.26 28.74
N TYR D 191 1.18 -21.31 27.88
CA TYR D 191 -0.13 -20.66 27.96
C TYR D 191 -0.87 -20.84 26.63
N PRO D 192 -1.59 -21.98 26.47
CA PRO D 192 -2.15 -22.42 25.19
C PRO D 192 -2.99 -21.37 24.49
N TYR D 193 -3.71 -20.58 25.26
CA TYR D 193 -4.65 -19.64 24.64
C TYR D 193 -4.02 -18.30 24.26
N ALA D 194 -2.71 -18.23 24.12
CA ALA D 194 -2.05 -16.94 23.92
C ALA D 194 -2.35 -16.32 22.55
N TRP D 195 -2.96 -17.11 21.66
CA TRP D 195 -3.33 -16.64 20.32
C TRP D 195 -4.46 -15.64 20.41
N VAL D 196 -5.17 -15.69 21.53
CA VAL D 196 -6.28 -14.82 21.74
C VAL D 196 -5.80 -13.40 21.96
N PHE D 197 -4.51 -13.24 22.28
CA PHE D 197 -3.90 -11.90 22.48
C PHE D 197 -3.17 -11.42 21.22
N PHE D 198 -2.54 -12.32 20.47
CA PHE D 198 -1.64 -11.88 19.42
C PHE D 198 -2.27 -11.94 18.03
N ILE D 199 -3.48 -12.45 17.94
CA ILE D 199 -4.19 -12.31 16.68
C ILE D 199 -4.93 -10.98 16.67
N PRO D 200 -5.75 -10.72 17.69
CA PRO D 200 -6.32 -9.40 17.82
C PRO D 200 -5.34 -8.25 17.71
N PHE D 201 -4.30 -8.25 18.55
CA PHE D 201 -3.21 -7.24 18.43
C PHE D 201 -2.77 -7.05 16.98
N ILE D 202 -2.60 -8.14 16.25
CA ILE D 202 -2.08 -8.05 14.90
C ILE D 202 -3.10 -7.49 13.91
N PHE D 203 -4.35 -7.95 13.99
CA PHE D 203 -5.42 -7.37 13.17
C PHE D 203 -5.48 -5.87 13.42
N VAL D 204 -5.79 -5.49 14.65
CA VAL D 204 -5.94 -4.09 15.01
C VAL D 204 -4.76 -3.29 14.55
N VAL D 205 -3.56 -3.75 14.87
CA VAL D 205 -2.38 -2.95 14.58
C VAL D 205 -2.17 -2.78 13.06
N THR D 206 -2.44 -3.82 12.27
CA THR D 206 -2.15 -3.74 10.82
C THR D 206 -3.28 -3.11 10.05
N PHE D 207 -4.51 -3.38 10.50
CA PHE D 207 -5.73 -2.73 10.00
C PHE D 207 -5.53 -1.22 10.06
N VAL D 208 -5.35 -0.70 11.27
CA VAL D 208 -5.13 0.74 11.53
C VAL D 208 -4.01 1.39 10.73
N MET D 209 -2.85 0.74 10.62
CA MET D 209 -1.79 1.26 9.77
C MET D 209 -2.41 1.33 8.36
N ILE D 210 -2.95 0.22 7.86
CA ILE D 210 -3.39 0.14 6.47
C ILE D 210 -4.51 1.11 6.08
N ASN D 211 -5.59 1.13 6.83
CA ASN D 211 -6.61 2.14 6.65
C ASN D 211 -6.06 3.60 6.69
N LEU D 212 -5.30 3.93 7.73
CA LEU D 212 -4.62 5.24 7.84
C LEU D 212 -4.04 5.77 6.53
N VAL D 213 -3.46 4.86 5.75
CA VAL D 213 -3.01 5.18 4.40
C VAL D 213 -4.20 5.56 3.53
N VAL D 214 -5.18 4.67 3.47
CA VAL D 214 -6.38 4.90 2.69
C VAL D 214 -6.96 6.30 3.01
N ALA D 215 -7.05 6.65 4.29
CA ALA D 215 -7.57 7.94 4.70
C ALA D 215 -6.76 9.11 4.15
N ILE D 216 -5.44 9.09 4.35
CA ILE D 216 -4.58 10.10 3.70
C ILE D 216 -4.90 10.21 2.21
N ILE D 217 -4.63 9.13 1.47
CA ILE D 217 -4.85 9.11 0.03
C ILE D 217 -6.21 9.67 -0.37
N VAL D 218 -7.30 9.15 0.22
CA VAL D 218 -8.65 9.51 -0.19
C VAL D 218 -9.02 10.90 0.28
N ASP D 219 -8.69 11.24 1.50
CA ASP D 219 -8.96 12.60 1.94
C ASP D 219 -8.07 13.61 1.26
N ALA D 220 -6.81 13.28 1.00
CA ALA D 220 -5.96 14.16 0.18
C ALA D 220 -6.75 14.51 -1.08
N MET D 221 -7.38 13.49 -1.66
CA MET D 221 -8.06 13.62 -2.94
C MET D 221 -9.36 14.42 -2.81
N ALA D 222 -10.10 14.19 -1.74
CA ALA D 222 -11.28 15.02 -1.48
C ALA D 222 -10.88 16.50 -1.47
N ILE D 223 -9.79 16.86 -0.80
CA ILE D 223 -9.32 18.24 -0.86
C ILE D 223 -8.98 18.60 -2.31
N LEU D 224 -8.16 17.78 -2.98
CA LEU D 224 -7.79 18.03 -4.38
C LEU D 224 -9.03 18.29 -5.23
N ASN D 225 -10.07 17.47 -5.03
CA ASN D 225 -11.27 17.50 -5.85
C ASN D 225 -12.13 18.71 -5.59
N GLN D 226 -11.83 19.46 -4.54
CA GLN D 226 -12.62 20.62 -4.13
C GLN D 226 -12.03 21.91 -4.66
N LYS D 227 -10.72 22.02 -4.62
CA LYS D 227 -10.03 23.13 -5.21
C LYS D 227 -10.40 23.17 -6.68
N GLU D 228 -10.68 22.01 -7.26
CA GLU D 228 -11.19 21.93 -8.63
C GLU D 228 -12.58 22.55 -8.72
N GLU D 229 -13.46 22.16 -7.81
CA GLU D 229 -14.81 22.75 -7.75
C GLU D 229 -14.80 24.28 -7.77
N GLN D 230 -14.02 24.88 -6.89
CA GLN D 230 -13.88 26.34 -6.86
C GLN D 230 -13.44 26.88 -8.21
N HIS D 231 -12.34 26.38 -8.74
CA HIS D 231 -11.77 26.91 -9.97
C HIS D 231 -12.82 26.88 -11.08
N ILE D 232 -13.63 25.83 -11.10
CA ILE D 232 -14.70 25.72 -12.09
C ILE D 232 -15.86 26.64 -11.73
N ILE D 233 -16.37 26.52 -10.51
CA ILE D 233 -17.45 27.39 -10.03
C ILE D 233 -17.03 28.86 -10.01
N ASP D 234 -15.74 29.12 -9.95
CA ASP D 234 -15.33 30.49 -10.00
C ASP D 234 -15.54 31.12 -11.36
N GLU D 235 -15.29 30.38 -12.43
CA GLU D 235 -15.54 30.91 -13.77
C GLU D 235 -16.99 31.16 -14.04
N VAL D 236 -17.81 30.23 -13.61
CA VAL D 236 -19.23 30.40 -13.74
C VAL D 236 -19.59 31.63 -12.93
N GLN D 237 -19.01 31.75 -11.77
CA GLN D 237 -19.36 32.84 -10.88
C GLN D 237 -19.12 34.10 -11.61
N SER D 238 -17.96 34.16 -12.26
CA SER D 238 -17.51 35.37 -12.91
C SER D 238 -18.44 35.81 -14.02
N HIS D 239 -18.83 34.87 -14.87
CA HIS D 239 -19.55 35.26 -16.08
C HIS D 239 -20.92 35.86 -15.81
N GLU D 240 -21.59 35.28 -14.81
CA GLU D 240 -23.01 35.53 -14.53
C GLU D 240 -23.16 36.45 -13.33
N ASP D 241 -22.26 37.42 -13.23
CA ASP D 241 -22.42 38.57 -12.36
C ASP D 241 -21.76 39.75 -13.07
N ASN D 242 -21.00 39.44 -14.12
CA ASN D 242 -20.14 40.38 -14.79
C ASN D 242 -20.60 40.75 -16.21
N ILE D 243 -21.46 39.92 -16.81
CA ILE D 243 -22.08 40.24 -18.09
C ILE D 243 -23.53 40.72 -17.92
N ASN D 244 -24.14 40.39 -16.79
CA ASN D 244 -25.37 41.05 -16.36
C ASN D 244 -25.00 42.42 -15.83
N ASN D 245 -23.70 42.60 -15.56
CA ASN D 245 -23.12 43.86 -15.16
C ASN D 245 -22.96 44.82 -16.36
N GLU D 246 -22.88 44.26 -17.57
CA GLU D 246 -22.66 45.05 -18.78
C GLU D 246 -23.69 44.84 -19.89
N ILE D 247 -24.77 44.13 -19.60
CA ILE D 247 -25.98 44.18 -20.44
C ILE D 247 -27.12 44.74 -19.59
N ILE D 248 -26.78 45.14 -18.37
CA ILE D 248 -27.69 45.96 -17.56
C ILE D 248 -27.79 47.33 -18.23
N LYS D 249 -26.85 47.65 -19.11
CA LYS D 249 -26.96 48.83 -19.97
C LYS D 249 -27.81 48.54 -21.21
N LEU D 250 -27.73 47.31 -21.71
CA LEU D 250 -28.63 46.85 -22.77
C LEU D 250 -30.05 46.71 -22.20
N ARG D 251 -30.14 46.61 -20.89
CA ARG D 251 -31.42 46.52 -20.17
C ARG D 251 -32.13 47.86 -20.09
N GLU D 252 -31.46 48.91 -20.54
CA GLU D 252 -32.01 50.25 -20.52
C GLU D 252 -31.90 50.94 -21.88
N GLU D 253 -31.36 50.25 -22.88
CA GLU D 253 -31.44 50.70 -24.28
C GLU D 253 -32.76 50.23 -24.85
N ILE D 254 -33.60 49.62 -24.03
CA ILE D 254 -34.88 49.17 -24.52
C ILE D 254 -36.00 50.03 -23.95
N VAL D 255 -35.69 50.77 -22.89
CA VAL D 255 -36.66 51.72 -22.36
C VAL D 255 -36.57 53.06 -23.10
N GLU D 256 -35.43 53.31 -23.74
CA GLU D 256 -35.24 54.52 -24.54
C GLU D 256 -36.17 54.53 -25.73
N LEU D 257 -36.27 53.40 -26.41
CA LEU D 257 -37.12 53.31 -27.58
C LEU D 257 -38.59 53.26 -27.16
N LYS D 258 -38.86 52.76 -25.95
CA LYS D 258 -40.15 52.97 -25.28
C LYS D 258 -40.51 54.43 -25.16
N GLU D 259 -39.64 55.13 -24.44
CA GLU D 259 -39.99 56.38 -23.75
C GLU D 259 -40.34 57.54 -24.68
N LEU D 260 -40.17 57.31 -25.97
CA LEU D 260 -40.33 58.35 -26.98
C LEU D 260 -41.77 58.70 -27.32
N ILE D 261 -42.69 58.43 -26.39
CA ILE D 261 -44.08 58.85 -26.56
C ILE D 261 -44.21 60.38 -26.51
N LYS D 262 -43.40 60.98 -25.65
CA LYS D 262 -43.61 62.35 -25.21
C LYS D 262 -43.48 63.40 -26.33
N THR D 263 -44.21 64.49 -26.17
CA THR D 263 -44.07 65.65 -27.06
C THR D 263 -43.75 66.89 -26.23
#